data_8HFW
#
_entry.id   8HFW
#
_cell.length_a   166.960
_cell.length_b   68.410
_cell.length_c   75.340
_cell.angle_alpha   90.000
_cell.angle_beta   93.575
_cell.angle_gamma   90.000
#
_symmetry.space_group_name_H-M   'C 1 2 1'
#
loop_
_entity.id
_entity.type
_entity.pdbx_description
1 polymer 'Alpha/beta fold hydrolase'
2 water water
#
_entity_poly.entity_id   1
_entity_poly.type   'polypeptide(L)'
_entity_poly.pdbx_seq_one_letter_code
;METNVTAAAPSDHPVFVLVHGAWHGAWCYAHVAAALAERGYLSIARDLPAHGINARFPASYLERPLDKDAFGAEPSPVAN
TTLDDYATQVMEAVDDAYALGHGKVVLVGHSMGGLAITAAAERAPEKIAKIVYLAAFMPASGVPGLDYVRAPENKGEMLA
PLMLASPRVAGALRIDPRSGDAAYRALAKRALYDDAAQADFEAMANLMTCDVPAAPFATAIPTTAARWGAIDRHYIKCLA
DRVILPALQQRFIDEADAFVPGNPTHVHQLDSSHSPFVSQPGVLAGVLVDIAKSIALEHHHHHH
;
_entity_poly.pdbx_strand_id   A,B,C
#
# COMPACT_ATOMS: atom_id res chain seq x y z
N HIS A 13 2.43 33.19 8.91
CA HIS A 13 2.66 31.81 8.41
C HIS A 13 3.33 31.87 7.03
N PRO A 14 4.66 31.67 6.95
CA PRO A 14 5.33 31.54 5.66
C PRO A 14 4.78 30.34 4.87
N VAL A 15 4.97 30.35 3.55
CA VAL A 15 4.60 29.23 2.70
C VAL A 15 5.83 28.34 2.56
N PHE A 16 5.67 27.02 2.65
CA PHE A 16 6.75 26.07 2.50
C PHE A 16 6.90 25.68 1.04
N VAL A 17 8.11 25.53 0.52
CA VAL A 17 8.35 24.92 -0.79
C VAL A 17 9.09 23.63 -0.48
N LEU A 18 8.51 22.49 -0.90
CA LEU A 18 9.06 21.19 -0.55
C LEU A 18 9.63 20.54 -1.80
N VAL A 19 10.91 20.10 -1.74
CA VAL A 19 11.62 19.57 -2.90
C VAL A 19 12.06 18.14 -2.59
N HIS A 20 11.66 17.17 -3.40
CA HIS A 20 11.93 15.75 -3.15
C HIS A 20 13.32 15.35 -3.65
N GLY A 21 13.64 14.06 -3.52
CA GLY A 21 14.93 13.52 -3.92
C GLY A 21 14.84 12.55 -5.09
N ALA A 22 15.95 11.81 -5.33
CA ALA A 22 16.10 10.95 -6.50
C ALA A 22 15.04 9.86 -6.58
N TRP A 23 14.47 9.66 -7.79
CA TRP A 23 13.47 8.61 -8.09
C TRP A 23 12.12 8.89 -7.43
N HIS A 24 11.97 10.02 -6.74
CA HIS A 24 10.74 10.32 -6.02
C HIS A 24 10.03 11.45 -6.74
N GLY A 25 8.97 11.97 -6.12
CA GLY A 25 8.17 13.02 -6.70
C GLY A 25 7.53 13.78 -5.57
N ALA A 26 6.72 14.80 -5.89
CA ALA A 26 6.09 15.63 -4.89
C ALA A 26 5.18 14.81 -4.00
N TRP A 27 4.69 13.69 -4.53
CA TRP A 27 3.78 12.80 -3.80
C TRP A 27 4.36 12.34 -2.46
N CYS A 28 5.69 12.29 -2.33
CA CYS A 28 6.29 11.77 -1.11
C CYS A 28 5.96 12.68 0.08
N TYR A 29 5.60 13.96 -0.21
CA TYR A 29 5.31 14.91 0.85
C TYR A 29 3.81 15.00 1.19
N ALA A 30 2.98 14.12 0.59
CA ALA A 30 1.53 14.28 0.73
C ALA A 30 1.08 14.34 2.19
N HIS A 31 1.54 13.41 3.03
CA HIS A 31 1.13 13.38 4.42
C HIS A 31 1.65 14.60 5.17
N VAL A 32 2.87 15.05 4.87
CA VAL A 32 3.48 16.19 5.55
C VAL A 32 2.69 17.45 5.20
N ALA A 33 2.38 17.62 3.89
CA ALA A 33 1.68 18.82 3.44
C ALA A 33 0.30 18.91 4.10
N ALA A 34 -0.38 17.77 4.23
CA ALA A 34 -1.71 17.75 4.83
C ALA A 34 -1.61 18.17 6.29
N ALA A 35 -0.57 17.69 6.97
CA ALA A 35 -0.39 18.00 8.38
C ALA A 35 -0.08 19.49 8.55
N LEU A 36 0.77 20.03 7.65
CA LEU A 36 1.05 21.47 7.67
C LEU A 36 -0.22 22.27 7.39
N ALA A 37 -1.05 21.82 6.44
CA ALA A 37 -2.26 22.55 6.07
C ALA A 37 -3.21 22.62 7.25
N GLU A 38 -3.37 21.52 7.99
CA GLU A 38 -4.21 21.45 9.16
C GLU A 38 -3.69 22.40 10.25
N ARG A 39 -2.36 22.58 10.32
CA ARG A 39 -1.69 23.45 11.28
C ARG A 39 -1.69 24.91 10.81
N GLY A 40 -2.28 25.19 9.63
CA GLY A 40 -2.46 26.54 9.13
C GLY A 40 -1.36 27.00 8.18
N TYR A 41 -0.61 26.07 7.58
CA TYR A 41 0.52 26.42 6.74
C TYR A 41 0.33 25.88 5.32
N LEU A 42 0.53 26.75 4.35
CA LEU A 42 0.48 26.42 2.93
C LEU A 42 1.80 25.82 2.49
N SER A 43 1.74 24.95 1.48
CA SER A 43 2.94 24.34 0.91
C SER A 43 2.78 24.17 -0.60
N ILE A 44 3.90 24.31 -1.33
CA ILE A 44 3.99 24.04 -2.76
C ILE A 44 5.00 22.90 -2.91
N ALA A 45 4.54 21.77 -3.46
CA ALA A 45 5.40 20.62 -3.66
C ALA A 45 5.21 20.18 -5.10
N ARG A 46 6.29 20.24 -5.89
CA ARG A 46 6.27 19.94 -7.29
C ARG A 46 7.35 18.94 -7.68
N ASP A 47 7.13 18.25 -8.80
CA ASP A 47 8.10 17.27 -9.30
C ASP A 47 9.27 18.02 -9.93
N LEU A 48 10.51 17.59 -9.59
CA LEU A 48 11.69 18.10 -10.29
C LEU A 48 11.63 17.67 -11.74
N PRO A 49 12.37 18.35 -12.63
CA PRO A 49 12.57 17.86 -13.98
C PRO A 49 12.98 16.38 -13.94
N ALA A 50 12.54 15.57 -14.90
CA ALA A 50 12.89 14.16 -15.04
C ALA A 50 12.23 13.26 -14.00
N HIS A 51 11.41 13.81 -13.12
CA HIS A 51 10.75 13.04 -12.07
C HIS A 51 9.24 13.21 -12.15
N GLY A 52 8.52 12.24 -11.56
CA GLY A 52 7.07 12.33 -11.45
C GLY A 52 6.39 12.40 -12.82
N ILE A 53 5.54 13.42 -12.98
CA ILE A 53 4.83 13.66 -14.23
C ILE A 53 5.80 14.03 -15.35
N ASN A 54 7.06 14.40 -15.01
CA ASN A 54 8.10 14.74 -15.95
C ASN A 54 9.06 13.56 -16.28
N ALA A 55 8.78 12.37 -15.73
CA ALA A 55 9.70 11.24 -15.91
C ALA A 55 9.67 10.70 -17.34
N ARG A 56 10.78 10.06 -17.73
CA ARG A 56 10.91 9.33 -18.98
C ARG A 56 11.55 8.00 -18.59
N PHE A 57 11.17 6.91 -19.28
CA PHE A 57 11.62 5.57 -18.94
C PHE A 57 12.35 4.93 -20.11
N PRO A 58 13.45 4.20 -19.86
CA PRO A 58 14.10 3.44 -20.91
C PRO A 58 13.13 2.35 -21.36
N ALA A 59 13.19 1.95 -22.63
CA ALA A 59 12.34 0.88 -23.14
C ALA A 59 12.57 -0.40 -22.34
N SER A 60 13.82 -0.63 -21.90
CA SER A 60 14.19 -1.83 -21.17
C SER A 60 13.41 -1.96 -19.86
N TYR A 61 12.89 -0.85 -19.30
CA TYR A 61 12.19 -0.88 -18.01
C TYR A 61 10.79 -1.50 -18.12
N LEU A 62 10.23 -1.54 -19.33
CA LEU A 62 8.86 -1.99 -19.55
C LEU A 62 8.82 -3.41 -20.11
N GLU A 63 9.97 -3.99 -20.50
CA GLU A 63 10.07 -5.35 -21.03
C GLU A 63 10.39 -6.27 -19.84
N ARG A 64 9.44 -7.16 -19.47
CA ARG A 64 9.52 -7.99 -18.27
C ARG A 64 9.34 -9.47 -18.59
N PRO A 65 10.11 -10.42 -17.98
CA PRO A 65 11.01 -10.15 -16.86
C PRO A 65 12.22 -9.31 -17.26
N LEU A 66 12.73 -8.50 -16.32
CA LEU A 66 13.76 -7.52 -16.64
C LEU A 66 15.03 -8.21 -17.15
N ASP A 67 15.54 -7.73 -18.31
CA ASP A 67 16.84 -8.10 -18.82
C ASP A 67 17.84 -7.13 -18.22
N LYS A 68 18.60 -7.58 -17.20
CA LYS A 68 19.53 -6.72 -16.50
C LYS A 68 20.60 -6.17 -17.44
N ASP A 69 21.01 -6.94 -18.46
CA ASP A 69 22.06 -6.48 -19.37
C ASP A 69 21.56 -5.28 -20.14
N ALA A 70 20.36 -5.41 -20.74
CA ALA A 70 19.80 -4.33 -21.54
C ALA A 70 19.51 -3.11 -20.65
N PHE A 71 18.93 -3.37 -19.47
CA PHE A 71 18.57 -2.31 -18.53
C PHE A 71 19.80 -1.59 -18.02
N GLY A 72 20.95 -2.28 -17.90
CA GLY A 72 22.18 -1.63 -17.52
C GLY A 72 22.74 -0.73 -18.63
N ALA A 73 22.62 -1.15 -19.89
CA ALA A 73 23.29 -0.48 -21.00
C ALA A 73 22.49 0.70 -21.56
N GLU A 74 21.15 0.64 -21.53
CA GLU A 74 20.36 1.58 -22.32
C GLU A 74 20.68 3.03 -21.92
N PRO A 75 21.02 3.91 -22.88
CA PRO A 75 21.17 5.34 -22.60
C PRO A 75 19.89 5.92 -22.00
N SER A 76 20.01 6.65 -20.89
CA SER A 76 18.86 7.24 -20.21
C SER A 76 18.21 8.33 -21.04
N PRO A 77 16.87 8.33 -21.14
CA PRO A 77 16.16 9.44 -21.77
C PRO A 77 16.16 10.70 -20.91
N VAL A 78 16.72 10.67 -19.69
CA VAL A 78 16.83 11.89 -18.88
C VAL A 78 18.30 12.24 -18.62
N ALA A 79 19.21 11.68 -19.43
CA ALA A 79 20.63 11.93 -19.23
C ALA A 79 20.99 13.43 -19.31
N ASN A 80 20.27 14.19 -20.16
CA ASN A 80 20.65 15.57 -20.44
C ASN A 80 20.03 16.56 -19.45
N THR A 81 19.32 16.08 -18.45
CA THR A 81 18.82 16.93 -17.39
C THR A 81 19.97 17.44 -16.50
N THR A 82 19.93 18.73 -16.16
CA THR A 82 21.04 19.35 -15.45
C THR A 82 20.63 19.90 -14.09
N LEU A 83 21.63 20.19 -13.26
CA LEU A 83 21.33 20.81 -11.97
C LEU A 83 20.67 22.20 -12.19
N ASP A 84 21.12 22.93 -13.20
CA ASP A 84 20.49 24.20 -13.57
C ASP A 84 18.98 24.02 -13.79
N ASP A 85 18.60 22.91 -14.45
CA ASP A 85 17.19 22.62 -14.69
C ASP A 85 16.44 22.45 -13.37
N TYR A 86 17.04 21.68 -12.46
CA TYR A 86 16.47 21.54 -11.12
C TYR A 86 16.30 22.93 -10.48
N ALA A 87 17.38 23.71 -10.43
CA ALA A 87 17.37 25.04 -9.81
C ALA A 87 16.28 25.93 -10.39
N THR A 88 16.10 25.88 -11.71
CA THR A 88 15.11 26.71 -12.39
CA THR A 88 15.11 26.72 -12.39
C THR A 88 13.70 26.37 -11.90
N GLN A 89 13.42 25.05 -11.79
CA GLN A 89 12.09 24.61 -11.34
C GLN A 89 11.88 25.05 -9.89
N VAL A 90 12.88 24.88 -9.02
CA VAL A 90 12.74 25.26 -7.62
C VAL A 90 12.50 26.77 -7.52
N MET A 91 13.28 27.54 -8.30
CA MET A 91 13.16 29.00 -8.25
C MET A 91 11.75 29.44 -8.67
N GLU A 92 11.15 28.75 -9.64
CA GLU A 92 9.77 29.01 -10.05
C GLU A 92 8.79 28.74 -8.91
N ALA A 93 9.04 27.67 -8.14
CA ALA A 93 8.17 27.31 -7.01
C ALA A 93 8.34 28.33 -5.89
N VAL A 94 9.56 28.82 -5.67
CA VAL A 94 9.78 29.87 -4.70
C VAL A 94 9.04 31.14 -5.11
N ASP A 95 9.14 31.55 -6.40
CA ASP A 95 8.44 32.71 -6.92
C ASP A 95 6.94 32.64 -6.61
N ASP A 96 6.31 31.51 -6.96
CA ASP A 96 4.87 31.37 -6.80
C ASP A 96 4.51 31.39 -5.32
N ALA A 97 5.30 30.72 -4.47
CA ALA A 97 5.06 30.70 -3.03
C ALA A 97 5.17 32.09 -2.44
N TYR A 98 6.17 32.86 -2.90
CA TYR A 98 6.38 34.23 -2.46
C TYR A 98 5.21 35.10 -2.89
N ALA A 99 4.80 34.97 -4.15
CA ALA A 99 3.77 35.82 -4.71
C ALA A 99 2.45 35.61 -3.98
N LEU A 100 2.25 34.46 -3.29
CA LEU A 100 1.01 34.26 -2.54
C LEU A 100 0.90 35.28 -1.40
N GLY A 101 1.98 36.03 -1.11
CA GLY A 101 1.96 37.23 -0.28
C GLY A 101 2.08 37.00 1.21
N HIS A 102 2.70 35.90 1.63
CA HIS A 102 2.96 35.66 3.04
C HIS A 102 4.42 35.97 3.39
N GLY A 103 5.12 36.70 2.49
CA GLY A 103 6.51 37.06 2.69
C GLY A 103 7.46 36.00 2.14
N LYS A 104 8.69 36.04 2.67
CA LYS A 104 9.74 35.12 2.27
C LYS A 104 9.32 33.72 2.66
N VAL A 105 9.87 32.73 1.95
CA VAL A 105 9.41 31.36 2.04
C VAL A 105 10.35 30.50 2.87
N VAL A 106 9.86 29.31 3.25
CA VAL A 106 10.69 28.28 3.89
C VAL A 106 10.94 27.21 2.82
N LEU A 107 12.17 27.07 2.37
CA LEU A 107 12.55 26.19 1.28
C LEU A 107 13.16 24.92 1.88
N VAL A 108 12.53 23.75 1.59
CA VAL A 108 12.91 22.47 2.16
C VAL A 108 13.32 21.51 1.05
N GLY A 109 14.46 20.82 1.27
CA GLY A 109 14.95 19.85 0.32
C GLY A 109 15.27 18.55 1.03
N HIS A 110 14.92 17.41 0.41
CA HIS A 110 15.23 16.09 0.94
C HIS A 110 16.22 15.39 0.01
N SER A 111 17.27 14.75 0.59
CA SER A 111 18.20 13.93 -0.18
C SER A 111 18.79 14.75 -1.35
N MET A 112 18.73 14.27 -2.60
CA MET A 112 19.25 14.98 -3.76
C MET A 112 18.62 16.37 -3.89
N GLY A 113 17.41 16.54 -3.35
CA GLY A 113 16.75 17.83 -3.37
C GLY A 113 17.60 18.93 -2.72
N GLY A 114 18.47 18.58 -1.79
CA GLY A 114 19.38 19.56 -1.20
C GLY A 114 20.29 20.22 -2.24
N LEU A 115 20.67 19.48 -3.29
CA LEU A 115 21.52 20.06 -4.35
C LEU A 115 20.70 21.14 -5.08
N ALA A 116 19.44 20.79 -5.43
CA ALA A 116 18.56 21.73 -6.11
C ALA A 116 18.32 22.99 -5.30
N ILE A 117 18.02 22.85 -4.00
CA ILE A 117 17.72 24.04 -3.20
C ILE A 117 19.00 24.87 -2.99
N THR A 118 20.17 24.23 -2.89
CA THR A 118 21.42 24.96 -2.70
C THR A 118 21.65 25.83 -3.94
N ALA A 119 21.55 25.23 -5.11
CA ALA A 119 21.77 25.93 -6.35
C ALA A 119 20.77 27.09 -6.47
N ALA A 120 19.47 26.82 -6.18
CA ALA A 120 18.44 27.85 -6.28
C ALA A 120 18.74 29.03 -5.36
N ALA A 121 19.12 28.73 -4.12
CA ALA A 121 19.28 29.76 -3.12
C ALA A 121 20.49 30.66 -3.41
N GLU A 122 21.57 30.10 -3.96
CA GLU A 122 22.74 30.93 -4.32
C GLU A 122 22.35 31.86 -5.48
N ARG A 123 21.63 31.30 -6.47
CA ARG A 123 21.24 32.08 -7.65
C ARG A 123 20.27 33.20 -7.26
N ALA A 124 19.34 32.90 -6.34
CA ALA A 124 18.26 33.83 -6.02
C ALA A 124 17.85 33.69 -4.55
N PRO A 125 18.66 34.22 -3.63
CA PRO A 125 18.37 34.08 -2.21
C PRO A 125 17.27 35.00 -1.67
N GLU A 126 16.85 36.00 -2.46
CA GLU A 126 16.08 37.12 -1.91
C GLU A 126 14.71 36.75 -1.30
N LYS A 127 14.05 35.78 -1.89
CA LYS A 127 12.68 35.43 -1.51
C LYS A 127 12.65 34.30 -0.47
N ILE A 128 13.82 33.87 0.03
CA ILE A 128 13.92 32.74 0.94
C ILE A 128 14.23 33.20 2.37
N ALA A 129 13.29 32.94 3.29
CA ALA A 129 13.46 33.25 4.71
C ALA A 129 14.37 32.26 5.42
N LYS A 130 14.16 30.98 5.13
CA LYS A 130 14.79 29.88 5.85
C LYS A 130 15.01 28.76 4.86
N ILE A 131 16.15 28.06 4.98
CA ILE A 131 16.44 26.94 4.08
C ILE A 131 16.65 25.70 4.95
N VAL A 132 15.99 24.60 4.58
CA VAL A 132 15.92 23.42 5.44
C VAL A 132 16.40 22.22 4.66
N TYR A 133 17.40 21.53 5.21
CA TYR A 133 17.96 20.34 4.62
C TYR A 133 17.54 19.14 5.44
N LEU A 134 16.68 18.31 4.85
CA LEU A 134 16.18 17.11 5.51
C LEU A 134 16.97 15.93 4.98
N ALA A 135 17.87 15.39 5.82
CA ALA A 135 18.68 14.26 5.40
C ALA A 135 19.12 14.46 3.95
N ALA A 136 19.72 15.62 3.68
CA ALA A 136 19.94 16.09 2.33
C ALA A 136 21.37 16.47 2.07
N PHE A 137 21.71 16.52 0.78
CA PHE A 137 23.02 17.05 0.40
C PHE A 137 23.03 18.54 0.71
N MET A 138 23.97 18.98 1.53
CA MET A 138 24.16 20.40 1.81
C MET A 138 25.64 20.66 1.56
N PRO A 139 26.05 20.65 0.29
CA PRO A 139 27.47 20.60 -0.03
C PRO A 139 28.25 21.90 0.19
N ALA A 140 29.54 21.74 0.51
CA ALA A 140 30.46 22.86 0.58
C ALA A 140 30.55 23.52 -0.78
N SER A 141 30.89 24.83 -0.80
CA SER A 141 31.08 25.54 -2.05
C SER A 141 32.07 24.80 -2.94
N GLY A 142 31.69 24.55 -4.19
CA GLY A 142 32.60 23.99 -5.18
C GLY A 142 32.78 22.47 -5.13
N VAL A 143 32.09 21.76 -4.23
CA VAL A 143 32.26 20.32 -4.06
C VAL A 143 31.02 19.62 -4.60
N PRO A 144 31.17 18.75 -5.62
CA PRO A 144 30.02 18.06 -6.22
C PRO A 144 29.47 17.03 -5.24
N GLY A 145 28.18 16.72 -5.36
CA GLY A 145 27.55 15.74 -4.48
C GLY A 145 28.23 14.35 -4.55
N LEU A 146 28.72 13.95 -5.73
CA LEU A 146 29.30 12.63 -5.93
C LEU A 146 30.49 12.40 -4.98
N ASP A 147 31.26 13.47 -4.70
CA ASP A 147 32.40 13.38 -3.79
C ASP A 147 31.94 12.93 -2.40
N TYR A 148 30.79 13.43 -1.96
CA TYR A 148 30.19 13.07 -0.67
C TYR A 148 29.69 11.62 -0.68
N VAL A 149 29.11 11.16 -1.79
CA VAL A 149 28.55 9.81 -1.84
C VAL A 149 29.67 8.82 -1.58
N ARG A 150 30.89 9.12 -2.05
CA ARG A 150 32.05 8.24 -1.96
C ARG A 150 32.94 8.59 -0.76
N ALA A 151 32.52 9.58 0.05
CA ALA A 151 33.32 10.04 1.17
C ALA A 151 33.40 8.96 2.24
N PRO A 152 34.45 8.96 3.08
CA PRO A 152 34.60 7.97 4.15
C PRO A 152 33.43 8.03 5.11
N GLU A 153 32.82 9.21 5.30
CA GLU A 153 31.71 9.40 6.23
C GLU A 153 30.48 8.60 5.78
N ASN A 154 30.42 8.21 4.49
CA ASN A 154 29.26 7.50 3.93
C ASN A 154 29.58 6.02 3.68
N LYS A 155 30.73 5.54 4.14
CA LYS A 155 31.05 4.13 3.98
C LYS A 155 29.93 3.31 4.60
N GLY A 156 29.41 2.34 3.81
CA GLY A 156 28.31 1.51 4.29
C GLY A 156 26.98 1.86 3.64
N GLU A 157 26.91 3.02 2.98
CA GLU A 157 25.70 3.46 2.32
C GLU A 157 25.05 2.27 1.60
N MET A 158 23.73 2.04 1.78
CA MET A 158 23.08 0.81 1.31
C MET A 158 22.43 0.97 -0.07
N LEU A 159 22.71 2.07 -0.78
CA LEU A 159 22.21 2.28 -2.14
C LEU A 159 23.07 1.53 -3.16
N ALA A 160 24.38 1.40 -2.92
CA ALA A 160 25.30 0.71 -3.83
C ALA A 160 24.69 -0.61 -4.35
N PRO A 161 24.30 -1.57 -3.48
CA PRO A 161 23.75 -2.84 -3.93
C PRO A 161 22.44 -2.77 -4.73
N LEU A 162 21.74 -1.62 -4.75
CA LEU A 162 20.53 -1.45 -5.54
C LEU A 162 20.84 -0.89 -6.93
N MET A 163 22.09 -0.57 -7.24
CA MET A 163 22.37 0.08 -8.51
C MET A 163 22.30 -0.93 -9.66
N LEU A 164 21.60 -0.58 -10.76
CA LEU A 164 21.43 -1.49 -11.89
C LEU A 164 22.05 -0.96 -13.19
N ALA A 165 22.69 0.21 -13.16
CA ALA A 165 23.38 0.67 -14.35
C ALA A 165 24.70 1.33 -13.97
N SER A 166 25.68 1.25 -14.88
CA SER A 166 26.87 2.07 -14.73
C SER A 166 26.54 3.49 -15.23
N PRO A 167 26.72 4.55 -14.41
CA PRO A 167 26.42 5.92 -14.86
C PRO A 167 27.24 6.35 -16.07
N ARG A 168 28.45 5.78 -16.27
CA ARG A 168 29.26 6.15 -17.42
C ARG A 168 28.59 5.61 -18.69
N VAL A 169 27.90 4.48 -18.60
CA VAL A 169 27.22 3.89 -19.74
C VAL A 169 25.86 4.59 -19.92
N ALA A 170 25.03 4.67 -18.88
CA ALA A 170 23.63 5.06 -18.98
C ALA A 170 23.38 6.57 -18.91
N GLY A 171 24.25 7.34 -18.26
CA GLY A 171 24.02 8.74 -18.03
C GLY A 171 23.01 8.96 -16.91
N ALA A 172 22.69 7.88 -16.18
CA ALA A 172 21.78 7.95 -15.05
C ALA A 172 22.18 6.92 -13.99
N LEU A 173 21.69 7.12 -12.76
CA LEU A 173 21.72 6.08 -11.73
C LEU A 173 20.36 5.41 -11.77
N ARG A 174 20.36 4.09 -11.84
CA ARG A 174 19.13 3.35 -12.15
C ARG A 174 18.82 2.35 -11.04
N ILE A 175 17.54 2.30 -10.64
CA ILE A 175 17.06 1.29 -9.71
C ILE A 175 15.84 0.65 -10.38
N ASP A 176 15.32 -0.43 -9.80
CA ASP A 176 14.12 -1.09 -10.33
C ASP A 176 13.04 -1.16 -9.25
N PRO A 177 12.22 -0.10 -9.11
CA PRO A 177 11.14 -0.10 -8.14
C PRO A 177 10.07 -1.14 -8.47
N ARG A 178 10.10 -1.72 -9.67
CA ARG A 178 9.10 -2.70 -10.09
C ARG A 178 9.71 -4.10 -10.11
N SER A 179 10.83 -4.29 -9.38
CA SER A 179 11.47 -5.60 -9.28
C SER A 179 10.49 -6.65 -8.78
N GLY A 180 10.66 -7.89 -9.28
CA GLY A 180 9.87 -9.01 -8.78
C GLY A 180 10.72 -9.88 -7.88
N ASP A 181 11.92 -9.36 -7.56
CA ASP A 181 12.85 -10.08 -6.71
CA ASP A 181 12.85 -10.08 -6.71
C ASP A 181 12.66 -9.66 -5.24
N ALA A 182 12.30 -10.64 -4.40
CA ALA A 182 12.05 -10.36 -3.01
C ALA A 182 13.30 -9.77 -2.35
N ALA A 183 14.51 -10.26 -2.67
CA ALA A 183 15.68 -9.74 -1.97
C ALA A 183 15.89 -8.26 -2.29
N TYR A 184 15.74 -7.91 -3.56
CA TYR A 184 15.95 -6.55 -4.01
C TYR A 184 14.95 -5.61 -3.33
N ARG A 185 13.67 -6.03 -3.31
CA ARG A 185 12.63 -5.20 -2.74
C ARG A 185 12.85 -5.03 -1.23
N ALA A 186 13.29 -6.09 -0.53
CA ALA A 186 13.62 -5.98 0.89
C ALA A 186 14.75 -4.98 1.10
N LEU A 187 15.76 -5.01 0.22
CA LEU A 187 16.90 -4.12 0.37
C LEU A 187 16.47 -2.67 0.16
N ALA A 188 15.59 -2.44 -0.84
CA ALA A 188 15.09 -1.10 -1.08
C ALA A 188 14.38 -0.57 0.17
N LYS A 189 13.57 -1.39 0.83
CA LYS A 189 12.91 -0.91 2.04
C LYS A 189 13.94 -0.67 3.16
N ARG A 190 14.88 -1.62 3.33
CA ARG A 190 15.85 -1.45 4.41
C ARG A 190 16.65 -0.15 4.24
N ALA A 191 17.00 0.19 2.99
CA ALA A 191 17.87 1.34 2.69
C ALA A 191 17.14 2.68 2.84
N LEU A 192 15.86 2.77 2.44
CA LEU A 192 15.14 4.04 2.36
C LEU A 192 13.98 4.18 3.34
N TYR A 193 13.37 3.07 3.77
CA TYR A 193 12.11 3.09 4.48
C TYR A 193 12.05 2.01 5.56
N ASP A 194 13.13 1.77 6.32
CA ASP A 194 13.13 0.64 7.24
C ASP A 194 12.05 0.76 8.32
N ASP A 195 11.74 1.99 8.72
CA ASP A 195 10.79 2.26 9.78
C ASP A 195 9.36 2.39 9.26
N ALA A 196 9.15 2.19 7.95
CA ALA A 196 7.81 2.36 7.42
C ALA A 196 7.02 1.05 7.53
N ALA A 197 5.69 1.18 7.50
CA ALA A 197 4.81 0.03 7.35
C ALA A 197 5.03 -0.53 5.95
N GLN A 198 4.94 -1.86 5.79
CA GLN A 198 5.19 -2.48 4.51
C GLN A 198 4.24 -1.93 3.46
N ALA A 199 2.94 -1.76 3.77
CA ALA A 199 1.97 -1.28 2.79
C ALA A 199 2.33 0.14 2.32
N ASP A 200 2.83 0.97 3.23
CA ASP A 200 3.20 2.33 2.86
C ASP A 200 4.39 2.28 1.89
N PHE A 201 5.37 1.41 2.18
CA PHE A 201 6.50 1.25 1.30
C PHE A 201 6.03 0.86 -0.10
N GLU A 202 5.12 -0.13 -0.21
CA GLU A 202 4.68 -0.61 -1.52
C GLU A 202 4.00 0.51 -2.30
N ALA A 203 3.24 1.36 -1.60
CA ALA A 203 2.56 2.47 -2.28
C ALA A 203 3.57 3.48 -2.83
N MET A 204 4.65 3.77 -2.06
CA MET A 204 5.70 4.67 -2.51
C MET A 204 6.47 4.04 -3.67
N ALA A 205 6.79 2.77 -3.53
CA ALA A 205 7.57 2.10 -4.57
C ALA A 205 6.83 2.11 -5.88
N ASN A 206 5.49 2.03 -5.85
CA ASN A 206 4.67 2.09 -7.06
C ASN A 206 4.84 3.44 -7.78
N LEU A 207 5.06 4.54 -7.04
CA LEU A 207 5.12 5.87 -7.63
C LEU A 207 6.53 6.24 -8.05
N MET A 208 7.55 5.56 -7.52
CA MET A 208 8.93 5.82 -7.86
C MET A 208 9.19 5.58 -9.33
N THR A 209 10.21 6.26 -9.88
CA THR A 209 10.68 6.07 -11.26
C THR A 209 12.04 5.37 -11.21
N CYS A 210 12.67 5.04 -12.35
CA CYS A 210 13.87 4.22 -12.36
C CYS A 210 15.17 4.98 -12.66
N ASP A 211 15.10 6.07 -13.43
CA ASP A 211 16.30 6.77 -13.86
C ASP A 211 16.42 8.12 -13.18
N VAL A 212 17.56 8.40 -12.53
CA VAL A 212 17.82 9.75 -12.02
C VAL A 212 19.03 10.28 -12.80
N PRO A 213 18.97 11.50 -13.36
CA PRO A 213 20.11 12.01 -14.10
C PRO A 213 21.41 11.95 -13.27
N ALA A 214 22.51 11.53 -13.90
CA ALA A 214 23.81 11.42 -13.21
C ALA A 214 24.49 12.78 -13.08
N ALA A 215 24.37 13.63 -14.10
CA ALA A 215 25.15 14.86 -14.21
C ALA A 215 24.96 15.82 -13.03
N PRO A 216 23.73 16.03 -12.50
CA PRO A 216 23.56 16.88 -11.32
C PRO A 216 24.45 16.53 -10.13
N PHE A 217 24.74 15.25 -9.93
CA PHE A 217 25.58 14.80 -8.81
C PHE A 217 27.03 15.19 -9.04
N ALA A 218 27.42 15.46 -10.29
CA ALA A 218 28.82 15.77 -10.62
C ALA A 218 28.97 17.27 -10.91
N THR A 219 28.11 18.09 -10.32
CA THR A 219 28.11 19.52 -10.60
C THR A 219 28.36 20.31 -9.30
N ALA A 220 29.48 21.01 -9.24
CA ALA A 220 29.80 21.84 -8.09
C ALA A 220 28.80 22.99 -8.01
N ILE A 221 28.48 23.43 -6.79
CA ILE A 221 27.64 24.61 -6.60
C ILE A 221 28.47 25.72 -5.95
N PRO A 222 28.61 26.89 -6.62
CA PRO A 222 29.46 27.97 -6.13
C PRO A 222 28.78 28.82 -5.09
N THR A 223 28.48 28.22 -3.95
CA THR A 223 27.88 28.98 -2.87
C THR A 223 28.83 30.06 -2.35
N THR A 224 28.23 31.14 -1.79
CA THR A 224 28.98 32.19 -1.14
C THR A 224 28.35 32.42 0.24
N ALA A 225 29.18 32.88 1.19
CA ALA A 225 28.74 33.27 2.51
C ALA A 225 27.69 34.38 2.45
N ALA A 226 27.84 35.32 1.51
CA ALA A 226 26.98 36.51 1.50
C ALA A 226 25.60 36.21 0.92
N ARG A 227 25.44 35.15 0.11
CA ARG A 227 24.15 34.85 -0.52
C ARG A 227 23.53 33.61 0.13
N TRP A 228 23.91 32.39 -0.32
CA TRP A 228 23.40 31.19 0.30
C TRP A 228 23.68 31.22 1.80
N GLY A 229 24.92 31.58 2.20
CA GLY A 229 25.37 31.51 3.58
C GLY A 229 24.61 32.42 4.53
N ALA A 230 23.97 33.48 4.02
CA ALA A 230 23.30 34.44 4.88
C ALA A 230 21.89 33.97 5.30
N ILE A 231 21.38 32.94 4.64
CA ILE A 231 20.01 32.48 4.92
C ILE A 231 20.00 31.69 6.22
N ASP A 232 18.97 31.90 7.05
CA ASP A 232 18.74 31.11 8.25
C ASP A 232 18.71 29.65 7.82
N ARG A 233 19.57 28.83 8.42
CA ARG A 233 19.86 27.51 7.86
C ARG A 233 19.58 26.41 8.87
N HIS A 234 18.78 25.42 8.47
CA HIS A 234 18.37 24.33 9.35
C HIS A 234 18.75 22.99 8.71
N TYR A 235 19.19 22.04 9.52
CA TYR A 235 19.43 20.69 9.04
C TYR A 235 18.66 19.75 9.94
N ILE A 236 17.82 18.91 9.31
CA ILE A 236 17.10 17.90 10.06
C ILE A 236 17.86 16.58 9.88
N LYS A 237 18.59 16.19 10.93
CA LYS A 237 19.48 15.04 10.88
C LYS A 237 18.69 13.80 11.25
N CYS A 238 18.62 12.83 10.30
CA CYS A 238 17.89 11.57 10.47
C CYS A 238 18.87 10.51 10.98
N LEU A 239 18.73 10.12 12.25
CA LEU A 239 19.75 9.36 12.96
C LEU A 239 19.90 7.90 12.52
N ALA A 240 18.89 7.33 11.82
CA ALA A 240 18.96 5.95 11.30
C ALA A 240 18.99 5.93 9.76
N ASP A 241 19.48 7.01 9.14
CA ASP A 241 19.56 7.09 7.69
C ASP A 241 20.60 6.08 7.19
N ARG A 242 20.25 5.23 6.22
CA ARG A 242 21.14 4.21 5.69
C ARG A 242 21.75 4.61 4.35
N VAL A 243 21.43 5.78 3.75
CA VAL A 243 21.93 6.16 2.42
C VAL A 243 22.75 7.45 2.49
N ILE A 244 22.29 8.45 3.27
CA ILE A 244 23.12 9.61 3.59
C ILE A 244 23.40 9.46 5.09
N LEU A 245 24.50 8.79 5.44
CA LEU A 245 24.68 8.34 6.81
C LEU A 245 24.80 9.54 7.77
N PRO A 246 24.46 9.37 9.05
CA PRO A 246 24.56 10.46 10.04
C PRO A 246 25.92 11.18 10.03
N ALA A 247 27.02 10.43 9.89
CA ALA A 247 28.35 11.04 9.89
C ALA A 247 28.51 11.96 8.68
N LEU A 248 27.87 11.64 7.54
CA LEU A 248 27.96 12.52 6.38
C LEU A 248 27.07 13.74 6.59
N GLN A 249 25.86 13.52 7.12
CA GLN A 249 24.98 14.64 7.46
C GLN A 249 25.76 15.62 8.36
N GLN A 250 26.50 15.09 9.33
CA GLN A 250 27.24 15.94 10.27
C GLN A 250 28.39 16.67 9.60
N ARG A 251 29.05 16.03 8.62
CA ARG A 251 30.09 16.69 7.86
C ARG A 251 29.52 17.91 7.12
N PHE A 252 28.34 17.76 6.52
CA PHE A 252 27.75 18.92 5.86
C PHE A 252 27.59 20.07 6.86
N ILE A 253 27.05 19.74 8.02
CA ILE A 253 26.77 20.73 9.06
C ILE A 253 28.06 21.44 9.47
N ASP A 254 29.11 20.64 9.71
CA ASP A 254 30.37 21.18 10.21
C ASP A 254 31.01 22.07 9.14
N GLU A 255 30.93 21.68 7.87
CA GLU A 255 31.49 22.48 6.79
C GLU A 255 30.76 23.83 6.69
N ALA A 256 29.41 23.86 6.78
CA ALA A 256 28.68 25.11 6.69
C ALA A 256 29.07 26.00 7.88
N ASP A 257 29.20 25.42 9.06
CA ASP A 257 29.52 26.20 10.26
C ASP A 257 30.88 26.88 10.12
N ALA A 258 31.87 26.15 9.58
CA ALA A 258 33.20 26.73 9.35
C ALA A 258 33.16 27.79 8.26
N PHE A 259 32.33 27.57 7.21
CA PHE A 259 32.23 28.46 6.08
C PHE A 259 31.60 29.81 6.43
N VAL A 260 30.57 29.81 7.29
CA VAL A 260 29.85 31.02 7.69
C VAL A 260 29.84 31.09 9.20
N PRO A 261 30.94 31.52 9.84
CA PRO A 261 31.01 31.49 11.29
C PRO A 261 29.92 32.23 12.04
N GLY A 262 29.50 33.40 11.56
CA GLY A 262 28.48 34.16 12.28
C GLY A 262 27.05 33.69 12.01
N ASN A 263 26.84 32.59 11.25
CA ASN A 263 25.51 32.09 10.94
C ASN A 263 25.55 30.56 10.94
N PRO A 264 25.76 29.96 12.13
CA PRO A 264 25.83 28.51 12.26
C PRO A 264 24.49 27.84 11.97
N THR A 265 24.56 26.57 11.63
CA THR A 265 23.40 25.77 11.27
C THR A 265 22.58 25.47 12.52
N HIS A 266 21.26 25.48 12.33
CA HIS A 266 20.34 25.06 13.40
C HIS A 266 20.02 23.60 13.15
N VAL A 267 20.46 22.70 14.05
CA VAL A 267 20.30 21.27 13.84
C VAL A 267 19.09 20.77 14.63
N HIS A 268 18.32 19.88 14.00
CA HIS A 268 17.15 19.23 14.57
C HIS A 268 17.32 17.72 14.40
N GLN A 269 17.49 16.99 15.49
CA GLN A 269 17.69 15.53 15.45
C GLN A 269 16.33 14.84 15.32
N LEU A 270 16.24 13.86 14.42
CA LEU A 270 15.05 13.04 14.25
C LEU A 270 15.45 11.57 14.26
N ASP A 271 14.86 10.75 15.12
CA ASP A 271 15.22 9.34 15.22
C ASP A 271 14.43 8.60 14.15
N SER A 272 14.93 8.67 12.92
CA SER A 272 14.19 8.20 11.75
C SER A 272 15.14 7.64 10.68
N SER A 273 14.57 6.87 9.75
CA SER A 273 15.25 6.51 8.51
C SER A 273 15.38 7.76 7.65
N HIS A 274 15.86 7.55 6.42
CA HIS A 274 15.97 8.58 5.40
C HIS A 274 14.60 9.19 5.04
N SER A 275 13.49 8.47 5.26
CA SER A 275 12.17 8.88 4.77
C SER A 275 11.13 9.13 5.87
N PRO A 276 11.32 10.13 6.75
CA PRO A 276 10.37 10.41 7.83
C PRO A 276 9.03 10.92 7.32
N PHE A 277 8.95 11.39 6.07
CA PHE A 277 7.71 11.83 5.46
C PHE A 277 6.69 10.67 5.31
N VAL A 278 7.15 9.41 5.44
CA VAL A 278 6.26 8.24 5.48
C VAL A 278 6.11 7.71 6.92
N SER A 279 7.23 7.57 7.65
CA SER A 279 7.24 6.92 8.96
C SER A 279 6.68 7.82 10.07
N GLN A 280 6.94 9.15 10.00
CA GLN A 280 6.48 10.07 11.04
C GLN A 280 6.13 11.44 10.44
N PRO A 281 5.21 11.53 9.45
CA PRO A 281 4.96 12.81 8.80
C PRO A 281 4.46 13.89 9.75
N GLY A 282 3.68 13.48 10.74
CA GLY A 282 3.16 14.41 11.72
C GLY A 282 4.29 15.04 12.54
N VAL A 283 5.22 14.20 12.99
CA VAL A 283 6.37 14.70 13.71
C VAL A 283 7.19 15.61 12.80
N LEU A 284 7.44 15.20 11.55
CA LEU A 284 8.22 16.03 10.63
C LEU A 284 7.51 17.39 10.43
N ALA A 285 6.19 17.38 10.26
CA ALA A 285 5.45 18.64 10.09
C ALA A 285 5.66 19.52 11.32
N GLY A 286 5.65 18.93 12.50
CA GLY A 286 5.91 19.66 13.74
C GLY A 286 7.30 20.33 13.76
N VAL A 287 8.34 19.62 13.28
CA VAL A 287 9.68 20.20 13.18
C VAL A 287 9.67 21.36 12.21
N LEU A 288 8.98 21.22 11.07
CA LEU A 288 8.94 22.27 10.06
C LEU A 288 8.22 23.51 10.61
N VAL A 289 7.13 23.31 11.39
CA VAL A 289 6.43 24.43 12.01
C VAL A 289 7.34 25.12 13.03
N ASP A 290 8.07 24.34 13.84
CA ASP A 290 9.05 24.90 14.77
C ASP A 290 10.03 25.79 14.00
N ILE A 291 10.54 25.28 12.86
CA ILE A 291 11.48 26.03 12.05
C ILE A 291 10.83 27.33 11.55
N ALA A 292 9.59 27.25 11.09
CA ALA A 292 8.88 28.42 10.58
C ALA A 292 8.74 29.47 11.69
N LYS A 293 8.59 29.04 12.94
CA LYS A 293 8.40 29.94 14.08
C LYS A 293 9.74 30.44 14.64
N SER A 294 10.85 29.79 14.28
CA SER A 294 12.17 30.08 14.80
C SER A 294 12.54 31.56 14.53
N ILE A 295 13.47 32.09 15.43
CA ILE A 295 13.84 33.53 15.29
C ILE A 295 15.23 33.56 14.71
N ALA A 296 15.37 34.25 13.58
CA ALA A 296 16.68 34.44 13.01
C ALA A 296 17.13 35.83 13.44
N LEU A 297 18.31 35.91 14.07
N HIS B 13 -9.41 35.55 -2.65
CA HIS B 13 -9.56 34.43 -3.63
C HIS B 13 -9.95 33.16 -2.88
N PRO B 14 -10.96 32.40 -3.35
CA PRO B 14 -11.30 31.11 -2.74
C PRO B 14 -10.18 30.08 -2.95
N VAL B 15 -10.07 29.09 -2.05
CA VAL B 15 -9.12 28.00 -2.22
C VAL B 15 -9.82 26.87 -2.98
N PHE B 16 -9.17 26.29 -3.99
CA PHE B 16 -9.70 25.13 -4.70
C PHE B 16 -9.32 23.83 -3.98
N VAL B 17 -10.28 22.91 -3.85
CA VAL B 17 -10.01 21.54 -3.46
C VAL B 17 -10.21 20.69 -4.71
N LEU B 18 -9.19 19.95 -5.12
CA LEU B 18 -9.20 19.21 -6.37
C LEU B 18 -9.21 17.72 -6.03
N VAL B 19 -10.24 17.00 -6.52
CA VAL B 19 -10.44 15.58 -6.22
C VAL B 19 -10.38 14.78 -7.52
N HIS B 20 -9.50 13.78 -7.54
CA HIS B 20 -9.23 12.97 -8.71
C HIS B 20 -10.20 11.80 -8.83
N GLY B 21 -10.02 11.01 -9.89
CA GLY B 21 -10.93 9.90 -10.18
C GLY B 21 -10.27 8.53 -10.03
N ALA B 22 -10.93 7.48 -10.55
CA ALA B 22 -10.51 6.10 -10.36
C ALA B 22 -9.09 5.85 -10.87
N TRP B 23 -8.27 5.10 -10.09
CA TRP B 23 -6.93 4.65 -10.45
C TRP B 23 -5.90 5.79 -10.49
N HIS B 24 -6.33 7.03 -10.22
CA HIS B 24 -5.43 8.18 -10.31
C HIS B 24 -5.09 8.66 -8.90
N GLY B 25 -4.41 9.80 -8.82
CA GLY B 25 -4.03 10.43 -7.57
C GLY B 25 -4.00 11.94 -7.74
N ALA B 26 -3.66 12.66 -6.66
CA ALA B 26 -3.58 14.12 -6.66
C ALA B 26 -2.57 14.61 -7.69
N TRP B 27 -1.55 13.78 -8.00
CA TRP B 27 -0.52 14.10 -8.98
C TRP B 27 -1.10 14.49 -10.34
N CYS B 28 -2.30 14.01 -10.69
CA CYS B 28 -2.90 14.29 -11.97
C CYS B 28 -3.21 15.78 -12.13
N TYR B 29 -3.35 16.51 -11.00
CA TYR B 29 -3.68 17.94 -11.01
C TYR B 29 -2.45 18.84 -10.96
N ALA B 30 -1.22 18.30 -11.05
CA ALA B 30 -0.03 19.09 -10.85
C ALA B 30 0.03 20.32 -11.78
N HIS B 31 -0.20 20.16 -13.09
CA HIS B 31 -0.10 21.29 -14.02
C HIS B 31 -1.18 22.32 -13.73
N VAL B 32 -2.41 21.87 -13.41
CA VAL B 32 -3.53 22.76 -13.13
C VAL B 32 -3.23 23.56 -11.86
N ALA B 33 -2.71 22.94 -10.80
CA ALA B 33 -2.42 23.58 -9.54
C ALA B 33 -1.37 24.68 -9.73
N ALA B 34 -0.34 24.36 -10.51
CA ALA B 34 0.72 25.30 -10.81
C ALA B 34 0.16 26.52 -11.57
N ALA B 35 -0.70 26.28 -12.57
CA ALA B 35 -1.34 27.36 -13.32
C ALA B 35 -2.21 28.22 -12.40
N LEU B 36 -2.96 27.57 -11.50
CA LEU B 36 -3.75 28.31 -10.53
C LEU B 36 -2.85 29.16 -9.61
N ALA B 37 -1.71 28.59 -9.18
CA ALA B 37 -0.82 29.22 -8.23
C ALA B 37 -0.18 30.47 -8.85
N GLU B 38 0.16 30.41 -10.14
CA GLU B 38 0.75 31.52 -10.87
C GLU B 38 -0.27 32.66 -10.96
N ARG B 39 -1.57 32.31 -10.93
CA ARG B 39 -2.63 33.29 -11.02
C ARG B 39 -3.15 33.69 -9.63
N GLY B 40 -2.47 33.25 -8.57
CA GLY B 40 -2.74 33.73 -7.23
C GLY B 40 -3.78 32.91 -6.48
N TYR B 41 -4.12 31.71 -6.98
CA TYR B 41 -5.12 30.86 -6.34
C TYR B 41 -4.46 29.63 -5.72
N LEU B 42 -4.77 29.39 -4.44
CA LEU B 42 -4.27 28.25 -3.70
C LEU B 42 -5.10 27.05 -4.09
N SER B 43 -4.52 25.85 -3.99
CA SER B 43 -5.22 24.60 -4.24
C SER B 43 -4.73 23.52 -3.29
N ILE B 44 -5.64 22.66 -2.83
CA ILE B 44 -5.33 21.48 -2.04
C ILE B 44 -5.73 20.29 -2.90
N ALA B 45 -4.77 19.41 -3.25
CA ALA B 45 -5.10 18.22 -4.02
C ALA B 45 -4.52 17.03 -3.27
N ARG B 46 -5.40 16.11 -2.82
CA ARG B 46 -4.99 14.95 -2.03
C ARG B 46 -5.51 13.65 -2.62
N ASP B 47 -4.82 12.54 -2.28
CA ASP B 47 -5.21 11.22 -2.70
C ASP B 47 -6.47 10.76 -1.95
N LEU B 48 -7.43 10.20 -2.70
CA LEU B 48 -8.60 9.56 -2.09
C LEU B 48 -8.13 8.34 -1.34
N PRO B 49 -8.93 7.84 -0.40
CA PRO B 49 -8.67 6.54 0.20
C PRO B 49 -8.48 5.48 -0.89
N ALA B 50 -7.61 4.49 -0.67
CA ALA B 50 -7.33 3.43 -1.64
C ALA B 50 -6.54 3.89 -2.87
N HIS B 51 -6.12 5.16 -2.94
CA HIS B 51 -5.44 5.68 -4.13
C HIS B 51 -4.12 6.36 -3.75
N GLY B 52 -3.22 6.48 -4.73
CA GLY B 52 -1.96 7.17 -4.52
C GLY B 52 -1.17 6.56 -3.37
N ILE B 53 -0.77 7.39 -2.40
CA ILE B 53 0.00 6.95 -1.25
C ILE B 53 -0.82 5.99 -0.37
N ASN B 54 -2.13 5.87 -0.65
CA ASN B 54 -3.05 5.02 0.12
C ASN B 54 -3.36 3.71 -0.61
N ALA B 55 -2.80 3.51 -1.80
CA ALA B 55 -3.12 2.33 -2.59
C ALA B 55 -2.56 1.05 -1.98
N ARG B 56 -3.22 -0.06 -2.32
CA ARG B 56 -2.77 -1.42 -1.99
C ARG B 56 -2.91 -2.19 -3.30
N PHE B 57 -2.11 -3.24 -3.47
CA PHE B 57 -2.12 -3.98 -4.72
C PHE B 57 -2.30 -5.47 -4.44
N PRO B 58 -3.03 -6.19 -5.31
CA PRO B 58 -3.06 -7.64 -5.24
C PRO B 58 -1.66 -8.19 -5.48
N ALA B 59 -1.30 -9.30 -4.83
CA ALA B 59 0.00 -9.95 -5.01
C ALA B 59 0.21 -10.30 -6.49
N SER B 60 -0.88 -10.64 -7.18
CA SER B 60 -0.94 -10.96 -8.61
C SER B 60 -0.27 -9.88 -9.46
N TYR B 61 -0.40 -8.61 -9.05
CA TYR B 61 0.10 -7.48 -9.83
C TYR B 61 1.63 -7.48 -9.95
N LEU B 62 2.35 -8.15 -9.03
CA LEU B 62 3.81 -8.08 -8.92
C LEU B 62 4.52 -9.15 -9.75
N GLU B 63 3.75 -10.08 -10.35
CA GLU B 63 4.27 -11.12 -11.22
C GLU B 63 4.11 -10.66 -12.68
N ARG B 64 5.24 -10.66 -13.42
CA ARG B 64 5.28 -10.22 -14.80
C ARG B 64 6.13 -11.22 -15.58
N PRO B 65 5.63 -11.84 -16.69
CA PRO B 65 4.35 -11.51 -17.31
C PRO B 65 3.15 -11.83 -16.43
N LEU B 66 2.08 -11.01 -16.51
CA LEU B 66 0.94 -11.11 -15.59
C LEU B 66 0.14 -12.39 -15.83
N ASP B 67 -0.37 -12.99 -14.73
CA ASP B 67 -1.24 -14.15 -14.81
C ASP B 67 -2.68 -13.65 -14.79
N LYS B 68 -3.32 -13.48 -15.96
CA LYS B 68 -4.67 -12.91 -16.05
CA LYS B 68 -4.67 -12.91 -16.05
C LYS B 68 -5.69 -13.65 -15.20
N ASP B 69 -5.55 -14.97 -15.08
CA ASP B 69 -6.51 -15.75 -14.29
C ASP B 69 -6.43 -15.29 -12.83
N ALA B 70 -5.21 -15.27 -12.28
CA ALA B 70 -5.01 -14.95 -10.88
C ALA B 70 -5.39 -13.50 -10.62
N PHE B 71 -4.98 -12.60 -11.54
CA PHE B 71 -5.20 -11.18 -11.37
C PHE B 71 -6.69 -10.90 -11.45
N GLY B 72 -7.46 -11.73 -12.13
CA GLY B 72 -8.88 -11.45 -12.25
C GLY B 72 -9.61 -11.89 -10.98
N ALA B 73 -9.06 -12.91 -10.30
CA ALA B 73 -9.76 -13.61 -9.24
C ALA B 73 -9.39 -13.12 -7.83
N GLU B 74 -8.24 -12.47 -7.64
CA GLU B 74 -7.73 -12.18 -6.31
C GLU B 74 -8.60 -11.16 -5.56
N PRO B 75 -9.08 -11.45 -4.33
CA PRO B 75 -9.86 -10.49 -3.56
C PRO B 75 -9.07 -9.20 -3.40
N SER B 76 -9.68 -8.03 -3.66
CA SER B 76 -8.96 -6.76 -3.63
C SER B 76 -8.59 -6.38 -2.20
N PRO B 77 -7.36 -5.89 -1.99
CA PRO B 77 -6.96 -5.37 -0.69
C PRO B 77 -7.58 -4.00 -0.38
N VAL B 78 -8.35 -3.42 -1.33
CA VAL B 78 -9.05 -2.16 -1.09
C VAL B 78 -10.56 -2.37 -1.22
N ALA B 79 -11.01 -3.63 -1.19
CA ALA B 79 -12.42 -3.97 -1.34
C ALA B 79 -13.26 -3.35 -0.23
N ASN B 80 -12.68 -3.07 0.96
CA ASN B 80 -13.44 -2.57 2.09
C ASN B 80 -13.66 -1.05 2.10
N THR B 81 -13.13 -0.34 1.09
CA THR B 81 -13.21 1.11 1.04
C THR B 81 -14.64 1.50 0.66
N THR B 82 -15.18 2.53 1.31
CA THR B 82 -16.57 2.94 1.15
C THR B 82 -16.66 4.36 0.61
N LEU B 83 -17.84 4.73 0.08
CA LEU B 83 -18.08 6.09 -0.35
C LEU B 83 -17.92 7.08 0.81
N ASP B 84 -18.32 6.64 2.02
CA ASP B 84 -18.22 7.46 3.21
C ASP B 84 -16.75 7.76 3.52
N ASP B 85 -15.87 6.80 3.25
CA ASP B 85 -14.44 6.99 3.40
C ASP B 85 -13.98 8.11 2.46
N TYR B 86 -14.42 8.07 1.20
CA TYR B 86 -14.09 9.11 0.25
C TYR B 86 -14.58 10.47 0.75
N ALA B 87 -15.83 10.53 1.19
CA ALA B 87 -16.47 11.77 1.59
C ALA B 87 -15.75 12.37 2.81
N THR B 88 -15.42 11.52 3.79
CA THR B 88 -14.75 11.96 5.01
CA THR B 88 -14.75 11.97 5.01
C THR B 88 -13.41 12.65 4.68
N GLN B 89 -12.69 12.06 3.71
CA GLN B 89 -11.39 12.58 3.29
C GLN B 89 -11.55 13.92 2.59
N VAL B 90 -12.52 14.03 1.68
CA VAL B 90 -12.77 15.27 0.96
C VAL B 90 -13.12 16.38 1.93
N MET B 91 -13.93 16.07 2.95
CA MET B 91 -14.36 17.06 3.91
C MET B 91 -13.17 17.59 4.74
N GLU B 92 -12.17 16.75 4.99
CA GLU B 92 -10.98 17.19 5.72
C GLU B 92 -10.20 18.18 4.87
N ALA B 93 -10.17 17.94 3.56
CA ALA B 93 -9.52 18.85 2.64
C ALA B 93 -10.32 20.15 2.52
N VAL B 94 -11.66 20.06 2.58
CA VAL B 94 -12.52 21.23 2.52
C VAL B 94 -12.37 22.00 3.83
N ASP B 95 -12.25 21.30 4.95
CA ASP B 95 -12.10 21.91 6.26
C ASP B 95 -10.78 22.67 6.34
N ASP B 96 -9.70 22.10 5.75
CA ASP B 96 -8.39 22.71 5.80
C ASP B 96 -8.33 23.91 4.85
N ALA B 97 -8.96 23.81 3.68
CA ALA B 97 -9.02 24.87 2.68
C ALA B 97 -9.83 26.06 3.18
N TYR B 98 -10.89 25.76 3.96
CA TYR B 98 -11.75 26.78 4.51
C TYR B 98 -10.97 27.60 5.53
N ALA B 99 -10.24 26.91 6.42
CA ALA B 99 -9.42 27.58 7.43
C ALA B 99 -8.30 28.37 6.73
N LEU B 100 -7.69 27.77 5.71
CA LEU B 100 -6.54 28.37 5.05
C LEU B 100 -6.99 29.50 4.15
N GLY B 101 -6.19 30.56 4.09
C GLY B 101 -9.76 32.48 2.67
N HIS B 102 -9.58 31.96 3.90
CA HIS B 102 -10.36 32.44 5.04
C HIS B 102 -11.82 32.58 4.59
N GLY B 103 -12.37 31.54 3.93
CA GLY B 103 -13.71 31.60 3.36
C GLY B 103 -14.07 30.33 2.60
N LYS B 104 -15.33 30.24 2.13
CA LYS B 104 -15.87 29.05 1.47
C LYS B 104 -15.03 28.71 0.24
N VAL B 105 -14.99 27.42 -0.13
CA VAL B 105 -14.04 26.86 -1.09
C VAL B 105 -14.73 26.54 -2.42
N VAL B 106 -13.91 26.33 -3.48
CA VAL B 106 -14.39 25.80 -4.74
C VAL B 106 -14.02 24.33 -4.77
N LEU B 107 -15.00 23.42 -4.65
CA LEU B 107 -14.75 21.98 -4.61
C LEU B 107 -14.86 21.40 -6.02
N VAL B 108 -13.79 20.79 -6.54
CA VAL B 108 -13.72 20.30 -7.92
C VAL B 108 -13.48 18.79 -7.90
N GLY B 109 -14.32 18.00 -8.59
CA GLY B 109 -14.15 16.56 -8.64
C GLY B 109 -14.08 16.10 -10.09
N HIS B 110 -13.16 15.20 -10.42
CA HIS B 110 -13.02 14.65 -11.76
C HIS B 110 -13.44 13.17 -11.79
N SER B 111 -14.25 12.77 -12.80
CA SER B 111 -14.59 11.38 -13.02
C SER B 111 -15.25 10.80 -11.76
N MET B 112 -14.76 9.72 -11.18
CA MET B 112 -15.34 9.11 -10.00
C MET B 112 -15.31 10.10 -8.82
N GLY B 113 -14.38 11.06 -8.83
CA GLY B 113 -14.29 12.08 -7.80
C GLY B 113 -15.61 12.86 -7.63
N GLY B 114 -16.44 12.89 -8.67
CA GLY B 114 -17.75 13.51 -8.59
C GLY B 114 -18.64 12.79 -7.59
N LEU B 115 -18.45 11.46 -7.41
CA LEU B 115 -19.19 10.68 -6.42
C LEU B 115 -18.78 11.12 -5.01
N ALA B 116 -17.47 11.36 -4.78
CA ALA B 116 -16.94 11.77 -3.47
C ALA B 116 -17.39 13.19 -3.11
N ILE B 117 -17.33 14.15 -4.06
CA ILE B 117 -17.68 15.54 -3.77
C ILE B 117 -19.20 15.68 -3.58
N THR B 118 -19.98 14.86 -4.29
CA THR B 118 -21.44 14.81 -4.12
C THR B 118 -21.76 14.38 -2.69
N ALA B 119 -21.24 13.21 -2.28
CA ALA B 119 -21.43 12.68 -0.94
C ALA B 119 -20.97 13.70 0.11
N ALA B 120 -19.83 14.38 -0.11
CA ALA B 120 -19.27 15.33 0.85
C ALA B 120 -20.11 16.60 0.97
N ALA B 121 -20.59 17.11 -0.17
CA ALA B 121 -21.45 18.30 -0.19
C ALA B 121 -22.79 18.06 0.51
N GLU B 122 -23.45 16.91 0.25
CA GLU B 122 -24.72 16.56 0.88
C GLU B 122 -24.49 16.45 2.38
N ARG B 123 -23.40 15.80 2.80
CA ARG B 123 -23.15 15.54 4.21
C ARG B 123 -22.81 16.85 4.93
N ALA B 124 -22.16 17.79 4.23
CA ALA B 124 -21.66 19.02 4.84
C ALA B 124 -21.47 20.13 3.79
N PRO B 125 -22.57 20.78 3.35
CA PRO B 125 -22.50 21.79 2.29
C PRO B 125 -22.07 23.19 2.71
N GLU B 126 -21.94 23.43 4.03
CA GLU B 126 -21.76 24.77 4.59
C GLU B 126 -20.48 25.51 4.14
N LYS B 127 -19.33 24.83 3.96
CA LYS B 127 -18.05 25.48 3.66
C LYS B 127 -17.75 25.59 2.15
N ILE B 128 -18.70 25.21 1.27
CA ILE B 128 -18.46 25.16 -0.18
C ILE B 128 -19.27 26.27 -0.88
N ALA B 129 -18.56 27.20 -1.56
CA ALA B 129 -19.17 28.29 -2.31
C ALA B 129 -19.62 27.80 -3.69
N LYS B 130 -18.76 27.01 -4.34
CA LYS B 130 -18.99 26.51 -5.69
C LYS B 130 -18.59 25.04 -5.81
N ILE B 131 -19.40 24.22 -6.49
CA ILE B 131 -19.10 22.80 -6.69
C ILE B 131 -18.95 22.60 -8.20
N VAL B 132 -17.85 21.98 -8.68
CA VAL B 132 -17.47 21.88 -10.09
C VAL B 132 -17.25 20.41 -10.42
N TYR B 133 -18.01 19.92 -11.41
CA TYR B 133 -17.92 18.55 -11.90
C TYR B 133 -17.22 18.56 -13.24
N LEU B 134 -16.01 17.99 -13.29
CA LEU B 134 -15.20 17.94 -14.52
C LEU B 134 -15.31 16.52 -15.09
N ALA B 135 -16.08 16.35 -16.17
CA ALA B 135 -16.26 15.03 -16.79
C ALA B 135 -16.45 13.99 -15.70
N ALA B 136 -17.39 14.26 -14.80
CA ALA B 136 -17.51 13.54 -13.54
C ALA B 136 -18.92 13.02 -13.25
N PHE B 137 -19.02 12.00 -12.42
CA PHE B 137 -20.30 11.50 -11.96
C PHE B 137 -20.98 12.61 -11.14
N MET B 138 -22.14 13.12 -11.58
CA MET B 138 -22.94 14.05 -10.80
C MET B 138 -24.30 13.39 -10.71
N PRO B 139 -24.42 12.35 -9.85
CA PRO B 139 -25.61 11.50 -9.82
C PRO B 139 -26.87 12.12 -9.20
N ALA B 140 -28.03 11.82 -9.80
CA ALA B 140 -29.32 12.20 -9.24
C ALA B 140 -29.48 11.57 -7.86
N SER B 141 -30.27 12.21 -6.98
CA SER B 141 -30.51 11.68 -5.63
C SER B 141 -30.96 10.22 -5.71
N GLY B 142 -30.35 9.35 -4.88
CA GLY B 142 -30.79 7.96 -4.77
C GLY B 142 -30.26 7.06 -5.88
N VAL B 143 -29.58 7.63 -6.88
CA VAL B 143 -29.13 6.77 -7.97
C VAL B 143 -27.65 6.47 -7.76
N PRO B 144 -27.26 5.18 -7.62
CA PRO B 144 -25.85 4.81 -7.50
C PRO B 144 -25.10 4.96 -8.83
N GLY B 145 -23.80 5.22 -8.77
CA GLY B 145 -23.03 5.45 -9.98
C GLY B 145 -23.04 4.26 -10.94
N LEU B 146 -23.14 3.01 -10.39
CA LEU B 146 -23.10 1.82 -11.23
C LEU B 146 -24.30 1.86 -12.19
N ASP B 147 -25.40 2.53 -11.81
CA ASP B 147 -26.58 2.66 -12.65
C ASP B 147 -26.23 3.40 -13.95
N TYR B 148 -25.39 4.42 -13.87
CA TYR B 148 -25.02 5.23 -15.02
C TYR B 148 -23.97 4.53 -15.89
N VAL B 149 -23.18 3.62 -15.29
CA VAL B 149 -22.17 2.89 -16.03
C VAL B 149 -22.82 2.05 -17.13
N ALA B 151 -25.59 2.71 -18.63
CA ALA B 151 -26.56 3.67 -19.25
C ALA B 151 -26.43 3.62 -20.77
N PRO B 152 -27.56 3.71 -21.52
CA PRO B 152 -27.49 3.78 -22.97
C PRO B 152 -26.64 4.96 -23.40
N GLU B 153 -26.67 6.06 -22.63
CA GLU B 153 -25.86 7.24 -22.91
C GLU B 153 -24.37 6.89 -22.94
N ASN B 154 -23.94 5.80 -22.27
CA ASN B 154 -22.53 5.47 -22.12
C ASN B 154 -22.12 4.28 -23.01
N LYS B 155 -22.96 3.93 -24.01
CA LYS B 155 -22.64 2.82 -24.91
C LYS B 155 -21.49 3.27 -25.82
N GLY B 156 -20.45 2.44 -25.93
CA GLY B 156 -19.24 2.81 -26.65
C GLY B 156 -18.11 3.17 -25.70
N GLU B 157 -18.41 3.24 -24.38
CA GLU B 157 -17.42 3.54 -23.36
C GLU B 157 -16.20 2.64 -23.61
N MET B 158 -15.01 3.24 -23.66
CA MET B 158 -13.78 2.55 -24.09
C MET B 158 -13.05 1.88 -22.92
N LEU B 159 -13.60 1.97 -21.68
CA LEU B 159 -13.02 1.30 -20.51
C LEU B 159 -13.23 -0.23 -20.59
N ALA B 160 -14.42 -0.67 -21.02
CA ALA B 160 -14.85 -2.06 -21.04
C ALA B 160 -13.75 -3.05 -21.42
N PRO B 161 -13.14 -2.95 -22.62
CA PRO B 161 -12.10 -3.89 -23.05
C PRO B 161 -10.79 -3.88 -22.25
N LEU B 162 -10.65 -2.93 -21.31
CA LEU B 162 -9.47 -2.83 -20.46
C LEU B 162 -9.73 -3.49 -19.11
N MET B 163 -11.00 -3.72 -18.73
CA MET B 163 -11.36 -4.30 -17.43
C MET B 163 -10.73 -5.69 -17.31
N LEU B 164 -10.20 -6.03 -16.12
CA LEU B 164 -9.45 -7.27 -15.93
C LEU B 164 -9.94 -8.07 -14.71
N ALA B 165 -10.98 -7.61 -13.99
CA ALA B 165 -11.60 -8.40 -12.92
C ALA B 165 -13.11 -8.45 -13.08
N SER B 166 -13.77 -9.39 -12.38
CA SER B 166 -15.24 -9.43 -12.29
C SER B 166 -15.67 -8.65 -11.04
N ARG B 168 -17.78 -8.59 -8.81
CA ARG B 168 -17.71 -10.07 -8.83
C ARG B 168 -16.79 -10.56 -7.70
N VAL B 169 -15.91 -11.50 -8.03
CA VAL B 169 -14.96 -12.11 -7.10
C VAL B 169 -14.09 -11.03 -6.44
N ALA B 170 -13.68 -9.99 -7.18
CA ALA B 170 -12.58 -9.11 -6.77
C ALA B 170 -12.96 -8.02 -5.75
N GLY B 171 -14.21 -7.50 -5.76
CA GLY B 171 -14.60 -6.37 -4.92
C GLY B 171 -13.96 -5.07 -5.39
N ALA B 172 -13.37 -5.07 -6.60
CA ALA B 172 -12.80 -3.87 -7.21
C ALA B 172 -12.88 -4.00 -8.74
N LEU B 173 -12.84 -2.84 -9.41
CA LEU B 173 -12.66 -2.82 -10.85
C LEU B 173 -11.14 -2.70 -11.07
N ARG B 174 -10.62 -3.55 -11.97
CA ARG B 174 -9.17 -3.67 -12.12
C ARG B 174 -8.75 -3.31 -13.53
N ILE B 175 -7.66 -2.54 -13.67
CA ILE B 175 -7.01 -2.30 -14.95
C ILE B 175 -5.54 -2.58 -14.70
N ASP B 176 -4.68 -2.47 -15.72
CA ASP B 176 -3.28 -2.80 -15.60
C ASP B 176 -2.48 -1.68 -16.28
N PRO B 177 -2.25 -0.56 -15.56
CA PRO B 177 -1.48 0.55 -16.13
C PRO B 177 0.00 0.19 -16.32
N ARG B 178 0.44 -0.93 -15.74
CA ARG B 178 1.83 -1.39 -15.84
C ARG B 178 1.93 -2.55 -16.86
N SER B 179 0.92 -2.73 -17.73
CA SER B 179 0.92 -3.79 -18.73
C SER B 179 2.16 -3.78 -19.63
N GLY B 180 2.66 -4.98 -19.97
CA GLY B 180 3.75 -5.17 -20.89
C GLY B 180 3.24 -5.31 -22.33
N ASP B 181 1.92 -5.33 -22.49
CA ASP B 181 1.29 -5.55 -23.79
C ASP B 181 1.08 -4.19 -24.49
N ALA B 182 1.62 -4.04 -25.71
CA ALA B 182 1.59 -2.78 -26.43
C ALA B 182 0.16 -2.40 -26.81
N ALA B 183 -0.66 -3.37 -27.23
CA ALA B 183 -2.01 -3.11 -27.69
C ALA B 183 -2.87 -2.58 -26.53
N TYR B 184 -2.71 -3.15 -25.33
CA TYR B 184 -3.46 -2.77 -24.15
C TYR B 184 -3.10 -1.33 -23.79
N ARG B 185 -1.79 -1.04 -23.74
CA ARG B 185 -1.27 0.27 -23.38
C ARG B 185 -1.79 1.31 -24.40
N ALA B 186 -1.84 0.96 -25.69
CA ALA B 186 -2.35 1.86 -26.73
C ALA B 186 -3.85 2.13 -26.54
N LEU B 187 -4.63 1.09 -26.19
CA LEU B 187 -6.05 1.24 -25.89
C LEU B 187 -6.24 2.15 -24.68
N ALA B 188 -5.47 1.97 -23.61
CA ALA B 188 -5.54 2.77 -22.40
C ALA B 188 -5.37 4.25 -22.73
N LYS B 189 -4.38 4.57 -23.58
CA LYS B 189 -4.14 5.94 -23.99
C LYS B 189 -5.31 6.47 -24.83
N ARG B 190 -5.88 5.63 -25.72
CA ARG B 190 -6.98 6.06 -26.57
C ARG B 190 -8.22 6.38 -25.74
N ALA B 191 -8.45 5.62 -24.66
CA ALA B 191 -9.65 5.74 -23.82
C ALA B 191 -9.59 6.93 -22.85
N LEU B 192 -8.39 7.31 -22.36
CA LEU B 192 -8.30 8.29 -21.28
C LEU B 192 -7.47 9.51 -21.65
N TYR B 193 -6.56 9.38 -22.61
CA TYR B 193 -5.53 10.37 -22.88
C TYR B 193 -5.23 10.50 -24.39
N ASP B 194 -6.22 10.41 -25.28
CA ASP B 194 -5.93 10.39 -26.71
C ASP B 194 -5.23 11.67 -27.17
N ASP B 195 -5.52 12.80 -26.51
CA ASP B 195 -5.01 14.11 -26.90
C ASP B 195 -3.70 14.45 -26.18
N ALA B 196 -3.16 13.50 -25.38
CA ALA B 196 -1.89 13.70 -24.67
C ALA B 196 -0.72 13.26 -25.55
N ALA B 197 0.43 13.91 -25.37
CA ALA B 197 1.67 13.45 -25.97
C ALA B 197 1.99 12.08 -25.38
N GLN B 198 2.70 11.23 -26.13
CA GLN B 198 2.98 9.86 -25.70
C GLN B 198 3.76 9.85 -24.38
N ALA B 199 4.80 10.69 -24.26
CA ALA B 199 5.64 10.61 -23.07
C ALA B 199 4.88 11.13 -21.82
N ASP B 200 3.95 12.08 -22.01
CA ASP B 200 3.11 12.55 -20.90
C ASP B 200 2.22 11.41 -20.43
N PHE B 201 1.62 10.70 -21.39
CA PHE B 201 0.83 9.53 -21.04
C PHE B 201 1.64 8.53 -20.22
N GLU B 202 2.86 8.21 -20.67
CA GLU B 202 3.65 7.18 -20.01
C GLU B 202 3.95 7.57 -18.55
N ALA B 203 4.21 8.86 -18.30
CA ALA B 203 4.53 9.33 -16.96
C ALA B 203 3.30 9.23 -16.05
N MET B 204 2.12 9.52 -16.61
CA MET B 204 0.87 9.42 -15.87
C MET B 204 0.50 7.96 -15.60
N ALA B 205 0.68 7.10 -16.63
CA ALA B 205 0.36 5.69 -16.51
C ALA B 205 1.26 5.05 -15.46
N ASN B 206 2.52 5.53 -15.31
CA ASN B 206 3.41 5.01 -14.29
C ASN B 206 2.84 5.29 -12.89
N LEU B 207 2.10 6.39 -12.68
CA LEU B 207 1.65 6.74 -11.35
C LEU B 207 0.31 6.09 -11.02
N MET B 208 -0.40 5.59 -12.05
CA MET B 208 -1.73 5.05 -11.83
C MET B 208 -1.65 3.74 -11.02
N THR B 209 -2.77 3.35 -10.38
CA THR B 209 -2.90 2.12 -9.59
C THR B 209 -3.85 1.17 -10.30
N CYS B 210 -4.03 -0.06 -9.80
CA CYS B 210 -4.78 -1.07 -10.54
C CYS B 210 -6.18 -1.34 -9.99
N ASP B 211 -6.40 -1.19 -8.68
CA ASP B 211 -7.67 -1.55 -8.08
C ASP B 211 -8.44 -0.31 -7.63
N VAL B 212 -9.69 -0.18 -8.11
CA VAL B 212 -10.57 0.86 -7.61
C VAL B 212 -11.71 0.14 -6.89
N PRO B 213 -11.99 0.51 -5.63
CA PRO B 213 -13.04 -0.16 -4.87
C PRO B 213 -14.36 -0.18 -5.61
N ALA B 214 -15.02 -1.34 -5.68
CA ALA B 214 -16.32 -1.46 -6.35
C ALA B 214 -17.47 -0.84 -5.56
N ALA B 215 -17.43 -0.96 -4.22
CA ALA B 215 -18.56 -0.66 -3.35
C ALA B 215 -19.03 0.79 -3.53
N PRO B 216 -18.16 1.82 -3.55
CA PRO B 216 -18.63 3.20 -3.71
C PRO B 216 -19.54 3.46 -4.90
N PHE B 217 -19.29 2.78 -6.03
CA PHE B 217 -20.13 2.91 -7.23
C PHE B 217 -21.55 2.37 -7.00
N ALA B 218 -21.70 1.35 -6.13
CA ALA B 218 -22.98 0.71 -5.86
C ALA B 218 -23.79 1.50 -4.83
N THR B 219 -23.25 2.62 -4.32
CA THR B 219 -23.85 3.35 -3.19
C THR B 219 -24.60 4.60 -3.64
N ALA B 220 -25.92 4.60 -3.39
CA ALA B 220 -26.76 5.74 -3.73
C ALA B 220 -26.47 6.87 -2.76
N ILE B 221 -26.41 8.11 -3.27
CA ILE B 221 -26.23 9.31 -2.46
C ILE B 221 -27.59 9.98 -2.40
N PRO B 222 -28.17 10.16 -1.20
CA PRO B 222 -29.48 10.78 -1.05
C PRO B 222 -29.36 12.30 -1.02
N THR B 223 -28.96 12.90 -2.14
CA THR B 223 -28.86 14.35 -2.25
C THR B 223 -30.25 14.98 -2.08
N THR B 224 -30.28 16.20 -1.52
CA THR B 224 -31.49 16.97 -1.33
C THR B 224 -31.27 18.34 -1.95
N ALA B 225 -32.29 18.92 -2.62
CA ALA B 225 -32.17 20.19 -3.31
C ALA B 225 -31.73 21.35 -2.39
N ALA B 226 -32.03 21.28 -1.10
CA ALA B 226 -31.77 22.39 -0.18
C ALA B 226 -30.31 22.46 0.33
N ARG B 227 -29.58 21.34 0.33
CA ARG B 227 -28.19 21.34 0.77
C ARG B 227 -27.28 21.34 -0.47
N TRP B 228 -27.05 20.14 -1.01
CA TRP B 228 -26.25 19.96 -2.21
C TRP B 228 -26.80 20.78 -3.35
N GLY B 229 -28.11 20.66 -3.64
CA GLY B 229 -28.74 21.31 -4.76
C GLY B 229 -28.65 22.84 -4.71
N ALA B 230 -28.36 23.38 -3.53
CA ALA B 230 -28.35 24.83 -3.35
C ALA B 230 -27.00 25.45 -3.70
N ILE B 231 -25.94 24.66 -3.83
CA ILE B 231 -24.59 25.22 -4.08
C ILE B 231 -24.46 25.64 -5.56
N ASP B 232 -23.88 26.83 -5.85
CA ASP B 232 -23.61 27.26 -7.22
C ASP B 232 -22.87 26.10 -7.91
N ARG B 233 -23.48 25.56 -8.97
CA ARG B 233 -23.06 24.28 -9.55
C ARG B 233 -22.57 24.45 -10.98
N HIS B 234 -21.41 23.82 -11.28
CA HIS B 234 -20.77 23.96 -12.58
C HIS B 234 -20.41 22.58 -13.10
N TYR B 235 -20.65 22.33 -14.40
CA TYR B 235 -20.24 21.08 -15.04
C TYR B 235 -19.36 21.46 -16.22
N ILE B 236 -18.11 20.99 -16.20
CA ILE B 236 -17.19 21.20 -17.29
C ILE B 236 -17.28 19.97 -18.20
N LYS B 237 -18.02 20.07 -19.30
CA LYS B 237 -18.20 18.94 -20.21
C LYS B 237 -16.93 18.74 -21.04
N CYS B 238 -16.57 17.48 -21.33
CA CYS B 238 -15.36 17.15 -22.08
C CYS B 238 -15.89 16.49 -23.35
N LEU B 239 -15.78 17.19 -24.48
CA LEU B 239 -16.51 16.80 -25.70
C LEU B 239 -16.00 15.53 -26.40
N ALA B 240 -14.77 15.08 -26.11
CA ALA B 240 -14.18 13.89 -26.71
C ALA B 240 -13.87 12.87 -25.63
N ASP B 241 -14.62 12.93 -24.52
CA ASP B 241 -14.51 11.95 -23.44
C ASP B 241 -14.97 10.58 -23.97
N ARG B 242 -14.11 9.57 -23.82
CA ARG B 242 -14.37 8.22 -24.30
C ARG B 242 -14.74 7.28 -23.14
N VAL B 243 -14.86 7.79 -21.90
CA VAL B 243 -15.12 7.00 -20.70
C VAL B 243 -16.43 7.42 -20.03
N ILE B 244 -16.68 8.73 -19.83
CA ILE B 244 -18.01 9.23 -19.44
C ILE B 244 -18.45 10.03 -20.65
N LEU B 245 -19.30 9.45 -21.49
CA LEU B 245 -19.59 10.02 -22.80
C LEU B 245 -20.37 11.32 -22.63
N PRO B 246 -20.19 12.29 -23.56
CA PRO B 246 -20.94 13.54 -23.53
C PRO B 246 -22.42 13.34 -23.23
N ALA B 247 -23.05 12.32 -23.81
CA ALA B 247 -24.48 12.07 -23.62
C ALA B 247 -24.76 11.83 -22.15
N LEU B 248 -23.82 11.09 -21.54
CA LEU B 248 -23.96 10.87 -20.12
C LEU B 248 -23.70 12.16 -19.33
N GLN B 249 -22.75 13.02 -19.60
CA GLN B 249 -22.58 14.24 -18.83
C GLN B 249 -23.87 15.00 -18.77
N GLN B 250 -24.34 15.02 -20.00
CA GLN B 250 -25.48 15.82 -20.24
C GLN B 250 -26.70 15.24 -19.53
N ARG B 251 -26.79 13.91 -19.42
CA ARG B 251 -27.84 13.30 -18.61
C ARG B 251 -27.67 13.80 -17.17
N PHE B 252 -26.44 14.05 -16.70
CA PHE B 252 -26.35 14.48 -15.29
C PHE B 252 -26.85 15.89 -15.17
N ILE B 253 -26.40 16.67 -16.13
CA ILE B 253 -26.79 18.05 -16.04
C ILE B 253 -28.30 18.17 -16.03
N ASP B 254 -28.96 17.43 -16.92
CA ASP B 254 -30.40 17.52 -17.09
C ASP B 254 -31.10 17.06 -15.81
N GLU B 255 -30.62 15.96 -15.21
CA GLU B 255 -31.20 15.43 -13.99
C GLU B 255 -31.06 16.42 -12.83
N ALA B 256 -29.92 17.13 -12.71
CA ALA B 256 -29.74 18.15 -11.67
C ALA B 256 -30.66 19.36 -11.91
N ASP B 257 -30.79 19.84 -13.16
CA ASP B 257 -31.65 20.96 -13.51
C ASP B 257 -33.11 20.69 -13.16
N ALA B 258 -33.59 19.48 -13.43
CA ALA B 258 -34.94 19.05 -13.09
C ALA B 258 -35.14 18.98 -11.59
N PHE B 259 -34.15 18.39 -10.89
CA PHE B 259 -34.22 18.18 -9.46
C PHE B 259 -34.22 19.52 -8.73
N VAL B 260 -33.53 20.53 -9.29
CA VAL B 260 -33.39 21.81 -8.62
C VAL B 260 -33.72 22.94 -9.58
N PRO B 261 -35.03 23.13 -9.95
CA PRO B 261 -35.40 24.30 -10.74
C PRO B 261 -35.01 25.46 -9.83
N GLY B 262 -34.58 26.59 -10.42
CA GLY B 262 -34.22 27.77 -9.64
C GLY B 262 -32.72 27.93 -9.47
N ASN B 263 -31.98 26.80 -9.45
CA ASN B 263 -30.53 26.80 -9.37
C ASN B 263 -29.96 25.95 -10.50
N PRO B 264 -30.16 26.31 -11.77
CA PRO B 264 -29.72 25.48 -12.90
C PRO B 264 -28.19 25.34 -12.94
N THR B 265 -27.70 24.23 -13.53
CA THR B 265 -26.27 23.95 -13.66
C THR B 265 -25.65 24.93 -14.65
N HIS B 266 -24.42 25.41 -14.35
CA HIS B 266 -23.69 26.28 -15.25
C HIS B 266 -22.76 25.39 -16.05
N VAL B 267 -22.94 25.28 -17.38
CA VAL B 267 -22.16 24.35 -18.20
C VAL B 267 -21.04 25.08 -18.92
N HIS B 268 -19.85 24.46 -18.94
CA HIS B 268 -18.68 24.95 -19.64
C HIS B 268 -18.20 23.80 -20.51
N GLN B 269 -17.64 24.08 -21.69
CA GLN B 269 -17.26 23.02 -22.62
C GLN B 269 -15.76 23.10 -22.91
N LEU B 270 -15.05 21.97 -22.83
CA LEU B 270 -13.67 21.89 -23.29
C LEU B 270 -13.70 20.85 -24.40
N ASP B 271 -13.06 21.12 -25.54
CA ASP B 271 -12.88 20.11 -26.57
C ASP B 271 -11.65 19.33 -26.16
N SER B 272 -11.84 18.38 -25.22
CA SER B 272 -10.76 17.58 -24.67
C SER B 272 -11.21 16.15 -24.47
N SER B 273 -10.24 15.24 -24.28
CA SER B 273 -10.51 13.90 -23.81
C SER B 273 -10.91 13.97 -22.34
N HIS B 274 -11.01 12.80 -21.71
CA HIS B 274 -11.37 12.69 -20.31
C HIS B 274 -10.29 13.34 -19.44
N SER B 275 -9.05 13.55 -19.96
CA SER B 275 -7.95 14.01 -19.12
C SER B 275 -7.38 15.38 -19.53
N PRO B 276 -8.17 16.49 -19.43
CA PRO B 276 -7.73 17.83 -19.84
C PRO B 276 -6.64 18.39 -18.91
N PHE B 277 -6.41 17.74 -17.77
CA PHE B 277 -5.37 18.14 -16.83
C PHE B 277 -3.97 17.85 -17.40
N VAL B 278 -3.90 17.05 -18.47
CA VAL B 278 -2.65 16.80 -19.17
C VAL B 278 -2.66 17.50 -20.53
N SER B 279 -3.80 17.45 -21.25
CA SER B 279 -3.92 17.97 -22.60
C SER B 279 -3.98 19.51 -22.64
N GLN B 280 -4.79 20.14 -21.77
CA GLN B 280 -4.96 21.60 -21.77
C GLN B 280 -5.13 22.12 -20.34
N PRO B 281 -4.12 21.91 -19.46
CA PRO B 281 -4.19 22.34 -18.06
C PRO B 281 -4.40 23.85 -17.86
N GLY B 282 -3.72 24.67 -18.66
CA GLY B 282 -3.86 26.12 -18.55
C GLY B 282 -5.28 26.57 -18.88
N VAL B 283 -5.85 26.02 -19.95
CA VAL B 283 -7.22 26.34 -20.34
C VAL B 283 -8.16 25.94 -19.21
N LEU B 284 -7.92 24.75 -18.65
CA LEU B 284 -8.76 24.23 -17.59
C LEU B 284 -8.63 25.15 -16.38
N ALA B 285 -7.41 25.61 -16.07
CA ALA B 285 -7.17 26.50 -14.95
C ALA B 285 -7.92 27.80 -15.17
N GLY B 286 -7.95 28.29 -16.41
CA GLY B 286 -8.66 29.51 -16.76
C GLY B 286 -10.17 29.39 -16.57
N VAL B 287 -10.74 28.23 -16.91
CA VAL B 287 -12.15 27.96 -16.69
C VAL B 287 -12.43 27.97 -15.19
N LEU B 288 -11.57 27.32 -14.40
CA LEU B 288 -11.72 27.25 -12.93
C LEU B 288 -11.62 28.64 -12.30
N VAL B 289 -10.73 29.52 -12.83
CA VAL B 289 -10.59 30.89 -12.35
C VAL B 289 -11.85 31.68 -12.71
N ASP B 290 -12.41 31.48 -13.91
CA ASP B 290 -13.67 32.13 -14.28
C ASP B 290 -14.82 31.72 -13.34
N ILE B 291 -14.89 30.42 -13.04
CA ILE B 291 -15.90 29.94 -12.09
C ILE B 291 -15.72 30.61 -10.74
N ALA B 292 -14.46 30.71 -10.27
CA ALA B 292 -14.18 31.25 -8.96
C ALA B 292 -14.62 32.71 -8.90
N LYS B 293 -14.57 33.45 -10.02
CA LYS B 293 -14.95 34.86 -10.08
C LYS B 293 -16.43 35.04 -10.40
N SER B 294 -17.18 33.97 -10.72
CA SER B 294 -18.58 34.12 -11.13
C SER B 294 -19.46 34.58 -9.95
CA HIS C 13 -4.94 -25.73 36.84
C HIS C 13 -4.77 -26.76 35.72
N PRO C 14 -5.70 -26.86 34.75
CA PRO C 14 -5.53 -27.74 33.60
C PRO C 14 -4.34 -27.26 32.77
N VAL C 15 -3.49 -28.20 32.32
CA VAL C 15 -2.37 -27.88 31.44
C VAL C 15 -2.87 -27.91 29.99
N PHE C 16 -2.46 -26.93 29.17
CA PHE C 16 -2.88 -26.84 27.77
C PHE C 16 -1.94 -27.63 26.87
N VAL C 17 -2.49 -28.37 25.90
CA VAL C 17 -1.70 -29.01 24.86
C VAL C 17 -1.99 -28.18 23.61
N LEU C 18 -0.99 -27.68 22.89
CA LEU C 18 -1.19 -26.88 21.69
C LEU C 18 -0.63 -27.62 20.47
N VAL C 19 -1.48 -27.88 19.46
CA VAL C 19 -1.09 -28.66 18.28
C VAL C 19 -1.20 -27.76 17.06
N HIS C 20 -0.10 -27.60 16.32
CA HIS C 20 -0.02 -26.69 15.18
C HIS C 20 -0.58 -27.35 13.91
N GLY C 21 -0.45 -26.63 12.79
CA GLY C 21 -1.01 -27.04 11.50
C GLY C 21 0.05 -27.22 10.42
N ALA C 22 -0.37 -27.33 9.16
CA ALA C 22 0.50 -27.71 8.06
C ALA C 22 1.65 -26.72 7.86
N TRP C 23 2.87 -27.24 7.63
CA TRP C 23 4.07 -26.46 7.33
C TRP C 23 4.56 -25.69 8.55
N HIS C 24 3.89 -25.80 9.69
CA HIS C 24 4.25 -25.01 10.86
C HIS C 24 4.89 -25.94 11.89
N GLY C 25 5.10 -25.41 13.10
CA GLY C 25 5.72 -26.12 14.19
C GLY C 25 5.28 -25.49 15.50
N ALA C 26 5.72 -26.04 16.62
CA ALA C 26 5.30 -25.58 17.94
C ALA C 26 5.66 -24.11 18.12
N TRP C 27 6.72 -23.63 17.45
CA TRP C 27 7.17 -22.22 17.54
C TRP C 27 6.05 -21.22 17.26
N CYS C 28 5.02 -21.61 16.48
CA CYS C 28 3.95 -20.68 16.14
C CYS C 28 3.17 -20.29 17.40
N TYR C 29 3.23 -21.12 18.46
CA TYR C 29 2.46 -20.90 19.69
C TYR C 29 3.24 -20.10 20.74
N ALA C 30 4.45 -19.65 20.42
CA ALA C 30 5.36 -19.09 21.45
C ALA C 30 4.72 -17.93 22.19
N HIS C 31 4.17 -16.94 21.47
CA HIS C 31 3.54 -15.80 22.12
C HIS C 31 2.33 -16.22 22.95
N VAL C 32 1.52 -17.18 22.43
CA VAL C 32 0.32 -17.65 23.14
C VAL C 32 0.71 -18.35 24.45
N ALA C 33 1.75 -19.21 24.36
CA ALA C 33 2.23 -19.92 25.53
C ALA C 33 2.72 -18.94 26.60
N ALA C 34 3.38 -17.85 26.21
CA ALA C 34 3.89 -16.91 27.19
C ALA C 34 2.74 -16.21 27.92
N ALA C 35 1.68 -15.89 27.18
CA ALA C 35 0.51 -15.21 27.73
C ALA C 35 -0.17 -16.13 28.74
N LEU C 36 -0.27 -17.40 28.39
CA LEU C 36 -0.88 -18.39 29.24
C LEU C 36 -0.05 -18.52 30.53
N ALA C 37 1.28 -18.48 30.40
CA ALA C 37 2.18 -18.66 31.54
C ALA C 37 2.10 -17.48 32.51
N GLU C 38 1.99 -16.25 31.99
CA GLU C 38 1.84 -15.05 32.82
C GLU C 38 0.45 -15.04 33.43
N ARG C 39 -0.50 -15.76 32.82
CA ARG C 39 -1.88 -15.84 33.29
C ARG C 39 -2.04 -17.00 34.28
N GLY C 40 -0.95 -17.73 34.52
CA GLY C 40 -0.94 -18.81 35.50
C GLY C 40 -1.21 -20.19 34.91
N TYR C 41 -1.03 -20.35 33.59
CA TYR C 41 -1.33 -21.63 32.92
C TYR C 41 -0.11 -22.17 32.17
N LEU C 42 0.16 -23.46 32.41
CA LEU C 42 1.26 -24.18 31.77
C LEU C 42 0.75 -24.74 30.44
N SER C 43 1.67 -24.99 29.49
CA SER C 43 1.28 -25.48 28.18
C SER C 43 2.38 -26.37 27.62
N ILE C 44 2.00 -27.36 26.80
CA ILE C 44 2.97 -28.22 26.13
C ILE C 44 2.73 -28.03 24.65
N ALA C 45 3.71 -27.54 23.89
CA ALA C 45 3.56 -27.39 22.43
C ALA C 45 4.72 -28.11 21.76
N ARG C 46 4.40 -29.11 20.93
CA ARG C 46 5.41 -29.95 20.29
C ARG C 46 5.20 -30.01 18.78
N ASP C 47 6.27 -30.37 18.05
CA ASP C 47 6.20 -30.51 16.60
C ASP C 47 5.46 -31.81 16.29
N LEU C 48 4.48 -31.76 15.36
CA LEU C 48 3.95 -32.96 14.76
C LEU C 48 5.03 -33.73 14.03
N PRO C 49 4.85 -35.05 13.88
CA PRO C 49 5.64 -35.85 12.92
C PRO C 49 5.70 -35.08 11.61
N ALA C 50 6.85 -35.20 10.93
CA ALA C 50 7.16 -34.59 9.64
C ALA C 50 7.33 -33.07 9.74
N HIS C 51 7.21 -32.43 10.92
CA HIS C 51 7.21 -30.98 11.03
C HIS C 51 8.29 -30.50 12.02
N GLY C 52 8.78 -29.27 11.87
CA GLY C 52 9.74 -28.68 12.80
C GLY C 52 11.05 -29.48 12.87
N ILE C 53 11.44 -29.88 14.08
CA ILE C 53 12.63 -30.70 14.30
C ILE C 53 12.54 -32.08 13.62
N ASN C 54 11.33 -32.51 13.22
CA ASN C 54 11.08 -33.79 12.58
C ASN C 54 11.00 -33.65 11.06
N ALA C 55 11.21 -32.42 10.52
CA ALA C 55 11.02 -32.17 9.09
C ALA C 55 12.11 -32.84 8.24
N ARG C 56 11.75 -33.18 7.00
CA ARG C 56 12.67 -33.61 5.97
C ARG C 56 12.33 -32.80 4.73
N PHE C 57 13.29 -32.60 3.83
CA PHE C 57 13.13 -31.74 2.67
C PHE C 57 13.51 -32.46 1.39
N PRO C 58 12.77 -32.25 0.28
CA PRO C 58 13.20 -32.76 -1.00
C PRO C 58 14.47 -32.01 -1.39
N ALA C 59 15.36 -32.67 -2.13
CA ALA C 59 16.62 -32.06 -2.55
C ALA C 59 16.35 -30.86 -3.45
N SER C 60 15.28 -30.91 -4.24
CA SER C 60 14.89 -29.83 -5.14
C SER C 60 14.70 -28.55 -4.34
N TYR C 61 14.35 -28.66 -3.05
CA TYR C 61 14.09 -27.49 -2.21
C TYR C 61 15.36 -26.66 -2.00
N LEU C 62 16.52 -27.30 -2.14
CA LEU C 62 17.80 -26.74 -1.81
C LEU C 62 18.49 -26.11 -3.04
N GLU C 63 18.00 -26.41 -4.25
CA GLU C 63 18.54 -25.87 -5.48
C GLU C 63 17.91 -24.48 -5.69
N ARG C 64 18.76 -23.45 -5.74
CA ARG C 64 18.27 -22.07 -5.92
C ARG C 64 19.06 -21.42 -7.06
N PRO C 65 18.45 -20.64 -8.00
CA PRO C 65 16.99 -20.48 -8.13
C PRO C 65 16.21 -21.80 -8.25
N LEU C 66 15.00 -21.83 -7.69
CA LEU C 66 14.21 -23.05 -7.65
C LEU C 66 13.80 -23.51 -9.06
N ASP C 67 13.98 -24.82 -9.34
CA ASP C 67 13.49 -25.41 -10.58
C ASP C 67 12.11 -25.93 -10.26
N LYS C 68 11.04 -25.25 -10.72
CA LYS C 68 9.67 -25.61 -10.35
C LYS C 68 9.29 -27.00 -10.89
N ASP C 69 9.79 -27.38 -12.07
CA ASP C 69 9.52 -28.70 -12.63
C ASP C 69 9.99 -29.81 -11.67
N ALA C 70 11.26 -29.74 -11.24
CA ALA C 70 11.84 -30.73 -10.36
C ALA C 70 11.17 -30.71 -9.00
N PHE C 71 10.91 -29.50 -8.48
CA PHE C 71 10.34 -29.33 -7.17
C PHE C 71 8.94 -29.93 -7.14
N GLY C 72 8.21 -29.89 -8.26
CA GLY C 72 6.86 -30.40 -8.30
C GLY C 72 6.82 -31.93 -8.39
N ALA C 73 7.89 -32.55 -8.90
CA ALA C 73 7.90 -33.97 -9.20
C ALA C 73 8.48 -34.80 -8.06
N GLU C 74 9.38 -34.21 -7.26
CA GLU C 74 10.17 -34.99 -6.32
C GLU C 74 9.31 -35.68 -5.27
N PRO C 75 9.41 -37.03 -5.13
CA PRO C 75 8.70 -37.75 -4.08
C PRO C 75 9.11 -37.25 -2.72
N SER C 76 8.10 -36.94 -1.89
CA SER C 76 8.31 -36.28 -0.62
C SER C 76 9.01 -37.22 0.35
N PRO C 77 10.02 -36.73 1.11
CA PRO C 77 10.62 -37.59 2.13
C PRO C 77 9.73 -37.73 3.37
N VAL C 78 8.58 -37.04 3.42
CA VAL C 78 7.64 -37.24 4.53
C VAL C 78 6.30 -37.85 4.06
N ALA C 79 6.28 -38.45 2.84
CA ALA C 79 5.07 -39.06 2.31
C ALA C 79 4.54 -40.20 3.19
N ASN C 80 5.41 -40.88 3.96
CA ASN C 80 5.08 -42.08 4.70
C ASN C 80 4.42 -41.77 6.05
N THR C 81 4.23 -40.50 6.39
CA THR C 81 3.61 -40.09 7.65
C THR C 81 2.10 -40.29 7.55
N THR C 82 1.51 -40.80 8.66
CA THR C 82 0.11 -41.15 8.73
C THR C 82 -0.61 -40.30 9.76
N LEU C 83 -1.94 -40.30 9.68
CA LEU C 83 -2.77 -39.63 10.66
C LEU C 83 -2.59 -40.34 12.00
N ASP C 84 -2.36 -41.67 12.07
CA ASP C 84 -2.08 -42.35 13.33
C ASP C 84 -0.78 -41.81 13.96
N ASP C 85 0.25 -41.50 13.14
CA ASP C 85 1.48 -40.89 13.64
C ASP C 85 1.20 -39.60 14.38
N TYR C 86 0.35 -38.73 13.77
CA TYR C 86 -0.10 -37.49 14.37
C TYR C 86 -0.83 -37.77 15.69
N ALA C 87 -1.82 -38.68 15.68
CA ALA C 87 -2.63 -38.99 16.85
C ALA C 87 -1.75 -39.46 18.00
N THR C 88 -0.80 -40.37 17.70
CA THR C 88 0.12 -40.90 18.69
CA THR C 88 0.13 -40.91 18.69
C THR C 88 0.97 -39.81 19.35
N GLN C 89 1.51 -38.89 18.54
CA GLN C 89 2.29 -37.78 19.09
C GLN C 89 1.40 -36.95 20.02
N VAL C 90 0.19 -36.58 19.60
CA VAL C 90 -0.66 -35.72 20.42
C VAL C 90 -1.04 -36.45 21.70
N MET C 91 -1.36 -37.75 21.59
CA MET C 91 -1.75 -38.56 22.75
C MET C 91 -0.59 -38.65 23.75
N GLU C 92 0.69 -38.55 23.32
CA GLU C 92 1.81 -38.51 24.25
C GLU C 92 1.89 -37.17 24.99
N ALA C 93 1.55 -36.06 24.30
CA ALA C 93 1.54 -34.75 24.92
C ALA C 93 0.40 -34.66 25.93
N VAL C 94 -0.76 -35.23 25.57
CA VAL C 94 -1.90 -35.26 26.48
C VAL C 94 -1.50 -36.02 27.74
N ASP C 95 -0.80 -37.15 27.56
CA ASP C 95 -0.39 -38.02 28.65
C ASP C 95 0.53 -37.25 29.61
N ASP C 96 1.58 -36.60 29.10
CA ASP C 96 2.51 -35.83 29.92
C ASP C 96 1.78 -34.64 30.57
N ALA C 97 0.87 -34.00 29.80
CA ALA C 97 0.10 -32.86 30.30
C ALA C 97 -0.85 -33.29 31.42
N TYR C 98 -1.39 -34.52 31.34
CA TYR C 98 -2.32 -35.03 32.35
C TYR C 98 -1.57 -35.27 33.65
N ALA C 99 -0.37 -35.88 33.54
CA ALA C 99 0.51 -36.14 34.67
C ALA C 99 0.99 -34.87 35.36
N LEU C 100 1.43 -33.84 34.61
CA LEU C 100 2.09 -32.67 35.19
C LEU C 100 1.09 -31.66 35.79
N GLY C 101 -0.12 -31.53 35.21
CA GLY C 101 -1.16 -30.66 35.75
C GLY C 101 -2.05 -31.39 36.76
N HIS C 102 -1.89 -32.73 36.84
CA HIS C 102 -2.60 -33.55 37.80
C HIS C 102 -4.11 -33.44 37.58
N GLY C 103 -4.51 -33.32 36.30
CA GLY C 103 -5.91 -33.18 35.91
C GLY C 103 -6.08 -33.22 34.40
N LYS C 104 -7.36 -33.38 33.99
CA LYS C 104 -7.75 -33.45 32.59
C LYS C 104 -7.19 -32.21 31.88
N VAL C 105 -6.90 -32.31 30.57
CA VAL C 105 -6.16 -31.28 29.83
C VAL C 105 -7.08 -30.41 28.96
N VAL C 106 -6.60 -29.25 28.50
CA VAL C 106 -7.29 -28.48 27.47
C VAL C 106 -6.55 -28.66 26.14
N LEU C 107 -7.05 -29.49 25.20
CA LEU C 107 -6.35 -29.87 23.99
C LEU C 107 -6.76 -28.93 22.86
N VAL C 108 -5.81 -28.16 22.29
CA VAL C 108 -6.09 -27.15 21.26
C VAL C 108 -5.39 -27.55 19.97
N GLY C 109 -6.09 -27.50 18.83
CA GLY C 109 -5.53 -27.79 17.52
C GLY C 109 -5.83 -26.65 16.55
N HIS C 110 -4.80 -26.20 15.81
CA HIS C 110 -4.97 -25.21 14.74
C HIS C 110 -4.95 -25.87 13.34
N SER C 111 -5.84 -25.43 12.43
CA SER C 111 -5.80 -25.84 11.01
C SER C 111 -5.75 -27.37 10.84
N MET C 112 -4.79 -27.93 10.11
CA MET C 112 -4.64 -29.38 10.01
C MET C 112 -4.50 -30.02 11.40
N GLY C 113 -4.06 -29.27 12.43
CA GLY C 113 -4.02 -29.74 13.81
C GLY C 113 -5.35 -30.36 14.29
N GLY C 114 -6.46 -29.88 13.72
CA GLY C 114 -7.79 -30.37 14.11
C GLY C 114 -7.96 -31.85 13.79
N LEU C 115 -7.43 -32.31 12.64
CA LEU C 115 -7.50 -33.73 12.30
C LEU C 115 -6.78 -34.52 13.39
N ALA C 116 -5.60 -34.04 13.84
CA ALA C 116 -4.78 -34.76 14.81
C ALA C 116 -5.47 -34.87 16.17
N ILE C 117 -6.03 -33.76 16.69
CA ILE C 117 -6.65 -33.74 18.01
C ILE C 117 -7.96 -34.53 17.96
N THR C 118 -8.60 -34.54 16.80
CA THR C 118 -9.83 -35.31 16.61
C THR C 118 -9.53 -36.80 16.84
N ALA C 119 -8.54 -37.33 16.10
CA ALA C 119 -8.17 -38.74 16.19
C ALA C 119 -7.83 -39.10 17.62
N ALA C 120 -6.85 -38.42 18.22
CA ALA C 120 -6.43 -38.67 19.59
C ALA C 120 -7.63 -38.60 20.54
N ALA C 121 -8.46 -37.57 20.40
CA ALA C 121 -9.63 -37.34 21.25
C ALA C 121 -10.61 -38.51 21.21
N GLU C 122 -10.79 -39.14 20.03
CA GLU C 122 -11.65 -40.30 19.92
C GLU C 122 -11.00 -41.45 20.70
N ARG C 123 -9.66 -41.46 20.74
CA ARG C 123 -8.88 -42.51 21.41
C ARG C 123 -8.83 -42.40 22.94
N ALA C 124 -9.01 -41.19 23.51
CA ALA C 124 -8.89 -40.99 24.95
C ALA C 124 -9.50 -39.65 25.37
N PRO C 125 -10.83 -39.55 25.64
CA PRO C 125 -11.39 -38.32 26.13
C PRO C 125 -11.29 -38.26 27.65
N GLU C 126 -10.83 -39.38 28.27
CA GLU C 126 -10.77 -39.53 29.72
C GLU C 126 -9.74 -38.56 30.31
N LYS C 127 -8.77 -38.15 29.48
CA LYS C 127 -7.72 -37.23 29.92
C LYS C 127 -8.00 -35.79 29.47
N ILE C 128 -9.07 -35.54 28.70
CA ILE C 128 -9.33 -34.21 28.13
C ILE C 128 -10.62 -33.61 28.70
N ALA C 129 -10.50 -32.44 29.34
CA ALA C 129 -11.64 -31.74 29.91
C ALA C 129 -12.26 -30.83 28.86
N LYS C 130 -11.42 -30.26 27.97
CA LYS C 130 -11.85 -29.28 26.98
C LYS C 130 -11.14 -29.57 25.66
N ILE C 131 -11.88 -29.59 24.54
CA ILE C 131 -11.29 -29.77 23.22
C ILE C 131 -11.57 -28.48 22.43
N VAL C 132 -10.53 -27.85 21.84
CA VAL C 132 -10.68 -26.54 21.19
C VAL C 132 -10.12 -26.63 19.77
N TYR C 133 -10.93 -26.21 18.78
CA TYR C 133 -10.54 -26.18 17.39
C TYR C 133 -10.41 -24.71 16.99
N LEU C 134 -9.19 -24.28 16.65
CA LEU C 134 -8.92 -22.90 16.26
C LEU C 134 -8.80 -22.87 14.73
N ALA C 135 -9.81 -22.31 14.03
CA ALA C 135 -9.80 -22.23 12.58
C ALA C 135 -9.26 -23.55 12.04
N ALA C 136 -9.89 -24.64 12.47
CA ALA C 136 -9.30 -25.96 12.33
C ALA C 136 -10.26 -26.94 11.64
N PHE C 137 -9.69 -28.01 11.05
CA PHE C 137 -10.48 -29.14 10.55
C PHE C 137 -11.13 -29.86 11.73
N MET C 138 -12.48 -29.87 11.79
CA MET C 138 -13.25 -30.57 12.80
C MET C 138 -14.23 -31.43 12.03
N PRO C 139 -13.73 -32.49 11.37
CA PRO C 139 -14.53 -33.25 10.41
C PRO C 139 -15.60 -34.13 11.05
N ALA C 140 -16.68 -34.36 10.30
CA ALA C 140 -17.73 -35.28 10.67
C ALA C 140 -17.17 -36.70 10.70
N SER C 141 -17.87 -37.61 11.37
CA SER C 141 -17.46 -39.00 11.45
C SER C 141 -17.34 -39.59 10.05
N GLY C 142 -16.23 -40.26 9.76
CA GLY C 142 -16.06 -40.96 8.49
C GLY C 142 -15.76 -40.06 7.30
N VAL C 143 -15.75 -38.73 7.49
CA VAL C 143 -15.42 -37.80 6.39
C VAL C 143 -13.95 -37.41 6.50
N PRO C 144 -13.14 -37.62 5.43
CA PRO C 144 -11.73 -37.24 5.46
C PRO C 144 -11.56 -35.75 5.16
N GLY C 145 -10.43 -35.15 5.60
CA GLY C 145 -10.20 -33.72 5.45
C GLY C 145 -10.24 -33.29 3.98
N LEU C 146 -9.84 -34.19 3.08
CA LEU C 146 -9.76 -33.93 1.64
C LEU C 146 -11.13 -33.51 1.10
N ASP C 147 -12.20 -34.16 1.58
CA ASP C 147 -13.57 -33.83 1.18
C ASP C 147 -13.85 -32.34 1.40
N TYR C 148 -13.36 -31.78 2.51
CA TYR C 148 -13.67 -30.40 2.90
C TYR C 148 -12.83 -29.40 2.11
N VAL C 149 -11.58 -29.77 1.80
CA VAL C 149 -10.69 -28.90 1.03
C VAL C 149 -11.36 -28.63 -0.31
N ARG C 150 -12.04 -29.66 -0.84
CA ARG C 150 -12.78 -29.63 -2.10
C ARG C 150 -14.19 -29.04 -1.94
N ALA C 151 -14.61 -28.71 -0.72
CA ALA C 151 -16.00 -28.36 -0.44
C ALA C 151 -16.40 -27.06 -1.12
N PRO C 152 -17.70 -26.85 -1.41
CA PRO C 152 -18.16 -25.59 -1.97
C PRO C 152 -17.97 -24.43 -1.01
N GLU C 153 -17.88 -24.71 0.29
CA GLU C 153 -17.76 -23.67 1.31
C GLU C 153 -16.34 -23.09 1.35
N ASN C 154 -15.34 -23.84 0.83
CA ASN C 154 -13.95 -23.39 0.82
C ASN C 154 -13.56 -22.85 -0.54
N LYS C 155 -14.54 -22.61 -1.43
CA LYS C 155 -14.26 -22.06 -2.74
C LYS C 155 -13.59 -20.69 -2.60
N GLY C 156 -12.47 -20.49 -3.32
CA GLY C 156 -11.73 -19.24 -3.32
C GLY C 156 -10.65 -19.15 -2.24
N GLU C 157 -10.43 -20.24 -1.48
CA GLU C 157 -9.34 -20.30 -0.51
C GLU C 157 -8.07 -19.86 -1.23
N MET C 158 -7.29 -18.97 -0.63
CA MET C 158 -6.18 -18.31 -1.34
C MET C 158 -4.87 -19.11 -1.41
N LEU C 159 -4.79 -20.31 -0.79
CA LEU C 159 -3.58 -21.14 -0.81
C LEU C 159 -3.37 -21.84 -2.16
N ALA C 160 -4.45 -22.21 -2.85
CA ALA C 160 -4.35 -22.95 -4.11
C ALA C 160 -3.21 -22.46 -5.01
N PRO C 161 -3.09 -21.14 -5.30
CA PRO C 161 -2.03 -20.62 -6.17
C PRO C 161 -0.61 -20.77 -5.59
N LEU C 162 -0.50 -21.10 -4.31
CA LEU C 162 0.81 -21.28 -3.66
C LEU C 162 1.28 -22.74 -3.80
N MET C 163 0.39 -23.65 -4.27
CA MET C 163 0.73 -25.06 -4.36
C MET C 163 1.72 -25.29 -5.50
N LEU C 164 2.76 -26.10 -5.22
CA LEU C 164 3.85 -26.32 -6.15
C LEU C 164 4.06 -27.80 -6.48
N ALA C 165 3.13 -28.66 -6.10
CA ALA C 165 3.21 -30.07 -6.48
C ALA C 165 1.82 -30.69 -6.51
N SER C 166 1.65 -31.69 -7.38
CA SER C 166 0.46 -32.52 -7.36
C SER C 166 0.64 -33.49 -6.21
N PRO C 167 -0.25 -33.51 -5.21
CA PRO C 167 -0.11 -34.47 -4.10
C PRO C 167 -0.09 -35.94 -4.51
N ARG C 168 -0.83 -36.33 -5.55
CA ARG C 168 -0.80 -37.70 -6.06
C ARG C 168 0.61 -38.02 -6.54
N VAL C 169 1.35 -37.04 -7.06
CA VAL C 169 2.70 -37.29 -7.57
C VAL C 169 3.74 -37.30 -6.43
N ALA C 170 3.71 -36.30 -5.54
CA ALA C 170 4.74 -36.09 -4.53
C ALA C 170 4.44 -36.78 -3.20
N GLY C 171 3.19 -37.14 -2.93
CA GLY C 171 2.89 -37.68 -1.62
C GLY C 171 2.76 -36.58 -0.58
N ALA C 172 2.78 -35.32 -1.04
CA ALA C 172 2.74 -34.20 -0.11
C ALA C 172 2.13 -32.98 -0.79
N LEU C 173 1.59 -32.06 0.03
CA LEU C 173 1.24 -30.74 -0.47
C LEU C 173 2.47 -29.88 -0.24
N ARG C 174 2.90 -29.13 -1.25
CA ARG C 174 4.20 -28.48 -1.24
C ARG C 174 4.05 -26.98 -1.51
N ILE C 175 4.68 -26.16 -0.66
CA ILE C 175 4.78 -24.72 -0.81
C ILE C 175 6.26 -24.38 -0.73
N ASP C 176 6.61 -23.12 -1.04
CA ASP C 176 8.00 -22.68 -1.01
C ASP C 176 8.14 -21.50 -0.07
N PRO C 177 8.29 -21.72 1.25
CA PRO C 177 8.49 -20.62 2.16
C PRO C 177 9.79 -19.85 1.92
N ARG C 178 10.72 -20.39 1.11
CA ARG C 178 11.98 -19.72 0.80
C ARG C 178 11.97 -19.06 -0.57
N SER C 179 10.78 -18.82 -1.15
CA SER C 179 10.64 -18.22 -2.47
C SER C 179 11.35 -16.88 -2.53
N GLY C 180 12.03 -16.63 -3.67
CA GLY C 180 12.61 -15.32 -3.95
C GLY C 180 11.68 -14.44 -4.78
N ASP C 181 10.46 -14.96 -5.06
CA ASP C 181 9.51 -14.27 -5.92
C ASP C 181 8.62 -13.35 -5.07
N ALA C 182 8.66 -12.04 -5.33
CA ALA C 182 7.89 -11.07 -4.55
C ALA C 182 6.38 -11.38 -4.57
N ALA C 183 5.83 -11.77 -5.72
CA ALA C 183 4.40 -12.04 -5.85
C ALA C 183 4.01 -13.23 -4.96
N TYR C 184 4.85 -14.27 -4.96
CA TYR C 184 4.56 -15.48 -4.21
C TYR C 184 4.57 -15.16 -2.72
N ARG C 185 5.59 -14.44 -2.25
CA ARG C 185 5.72 -14.12 -0.84
C ARG C 185 4.57 -13.22 -0.41
N ALA C 186 4.18 -12.26 -1.26
CA ALA C 186 3.06 -11.39 -0.93
C ALA C 186 1.78 -12.20 -0.73
N LEU C 187 1.50 -13.14 -1.65
CA LEU C 187 0.29 -13.97 -1.57
C LEU C 187 0.35 -14.84 -0.32
N ALA C 188 1.50 -15.44 -0.01
CA ALA C 188 1.60 -16.27 1.19
C ALA C 188 1.18 -15.46 2.43
N LYS C 189 1.64 -14.21 2.57
CA LYS C 189 1.23 -13.41 3.74
C LYS C 189 -0.26 -13.07 3.65
N ARG C 190 -0.77 -12.68 2.46
CA ARG C 190 -2.18 -12.34 2.33
C ARG C 190 -3.07 -13.53 2.74
N ALA C 191 -2.63 -14.75 2.40
CA ALA C 191 -3.46 -15.93 2.63
C ALA C 191 -3.42 -16.41 4.08
N LEU C 192 -2.26 -16.32 4.75
CA LEU C 192 -2.10 -16.89 6.08
C LEU C 192 -1.90 -15.87 7.19
N TYR C 193 -1.41 -14.66 6.87
CA TYR C 193 -0.96 -13.73 7.88
C TYR C 193 -1.23 -12.27 7.50
N ASP C 194 -2.39 -11.96 6.89
CA ASP C 194 -2.65 -10.62 6.40
C ASP C 194 -2.60 -9.58 7.52
N ASP C 195 -2.97 -9.96 8.75
CA ASP C 195 -3.07 -9.06 9.89
C ASP C 195 -1.76 -8.98 10.68
N ALA C 196 -0.69 -9.66 10.21
CA ALA C 196 0.59 -9.68 10.92
C ALA C 196 1.49 -8.54 10.46
N ALA C 197 2.44 -8.11 11.31
CA ALA C 197 3.50 -7.21 10.89
C ALA C 197 4.42 -7.96 9.93
N GLN C 198 4.96 -7.26 8.93
CA GLN C 198 5.78 -7.91 7.93
C GLN C 198 6.95 -8.64 8.60
N ALA C 199 7.56 -8.09 9.65
CA ALA C 199 8.76 -8.72 10.21
C ALA C 199 8.41 -10.03 10.91
N ASP C 200 7.22 -10.08 11.51
CA ASP C 200 6.73 -11.28 12.16
C ASP C 200 6.50 -12.38 11.12
N PHE C 201 5.87 -12.01 10.00
CA PHE C 201 5.66 -12.95 8.90
C PHE C 201 7.01 -13.51 8.47
N GLU C 202 8.00 -12.62 8.24
CA GLU C 202 9.28 -13.08 7.74
C GLU C 202 9.91 -14.08 8.72
N ALA C 203 9.80 -13.83 10.03
CA ALA C 203 10.38 -14.73 11.03
C ALA C 203 9.68 -16.10 11.01
N MET C 204 8.34 -16.07 10.84
CA MET C 204 7.55 -17.30 10.80
C MET C 204 7.87 -18.07 9.51
N ALA C 205 7.95 -17.35 8.38
CA ALA C 205 8.24 -17.97 7.09
C ALA C 205 9.59 -18.67 7.11
N ASN C 206 10.53 -18.12 7.89
CA ASN C 206 11.85 -18.74 8.01
C ASN C 206 11.75 -20.12 8.65
N LEU C 207 10.87 -20.30 9.63
CA LEU C 207 10.77 -21.54 10.38
C LEU C 207 9.89 -22.56 9.66
N MET C 208 9.03 -22.09 8.75
CA MET C 208 8.10 -22.96 8.04
C MET C 208 8.88 -24.00 7.21
N THR C 209 8.22 -25.12 6.91
CA THR C 209 8.77 -26.18 6.11
C THR C 209 7.95 -26.26 4.80
N CYS C 210 8.40 -27.06 3.81
CA CYS C 210 7.82 -27.05 2.46
C CYS C 210 6.84 -28.19 2.19
N ASP C 211 7.03 -29.36 2.81
CA ASP C 211 6.21 -30.53 2.55
C ASP C 211 5.30 -30.87 3.72
N VAL C 212 4.01 -31.08 3.42
CA VAL C 212 3.06 -31.59 4.41
C VAL C 212 2.53 -32.91 3.87
N PRO C 213 2.63 -34.02 4.61
CA PRO C 213 2.15 -35.33 4.15
C PRO C 213 0.75 -35.25 3.58
N ALA C 214 0.53 -35.82 2.39
CA ALA C 214 -0.81 -35.82 1.81
C ALA C 214 -1.75 -36.86 2.47
N ALA C 215 -1.20 -38.00 2.91
CA ALA C 215 -1.99 -39.17 3.29
C ALA C 215 -2.96 -38.87 4.43
N PRO C 216 -2.57 -38.15 5.50
CA PRO C 216 -3.49 -37.84 6.60
C PRO C 216 -4.78 -37.13 6.18
N PHE C 217 -4.74 -36.28 5.15
CA PHE C 217 -5.93 -35.59 4.67
C PHE C 217 -6.94 -36.60 4.13
N ALA C 218 -6.49 -37.73 3.58
CA ALA C 218 -7.37 -38.70 2.92
C ALA C 218 -7.84 -39.79 3.90
N THR C 219 -7.70 -39.56 5.20
CA THR C 219 -8.00 -40.58 6.21
C THR C 219 -9.22 -40.17 7.02
N ALA C 220 -10.25 -41.02 7.06
CA ALA C 220 -11.44 -40.77 7.85
C ALA C 220 -11.12 -40.98 9.33
N ILE C 221 -11.88 -40.31 10.21
CA ILE C 221 -11.77 -40.49 11.66
C ILE C 221 -13.13 -40.96 12.16
N PRO C 222 -13.22 -42.23 12.61
CA PRO C 222 -14.51 -42.73 13.10
C PRO C 222 -14.88 -42.18 14.47
N THR C 223 -15.28 -40.90 14.50
CA THR C 223 -15.67 -40.26 15.74
C THR C 223 -16.92 -40.98 16.30
N THR C 224 -17.33 -40.70 17.54
CA THR C 224 -18.54 -41.27 18.13
C THR C 224 -19.10 -40.22 19.09
N ALA C 225 -20.33 -40.38 19.57
CA ALA C 225 -20.98 -39.39 20.41
C ALA C 225 -20.28 -39.34 21.78
N ARG C 227 -15.51 -41.71 22.99
CA ARG C 227 -16.56 -40.89 22.32
C ARG C 227 -16.10 -39.42 22.32
N TRP C 228 -15.82 -38.89 21.12
CA TRP C 228 -15.37 -37.52 20.96
C TRP C 228 -16.49 -36.53 21.29
N GLY C 229 -17.75 -36.97 21.15
CA GLY C 229 -18.89 -36.10 21.33
C GLY C 229 -19.12 -35.68 22.78
N ALA C 230 -18.63 -36.48 23.73
CA ALA C 230 -18.90 -36.26 25.14
C ALA C 230 -17.91 -35.30 25.79
N ILE C 231 -17.00 -34.67 25.01
CA ILE C 231 -16.05 -33.71 25.59
C ILE C 231 -16.55 -32.30 25.29
N ASP C 232 -16.42 -31.38 26.27
CA ASP C 232 -16.79 -29.99 26.05
C ASP C 232 -16.04 -29.57 24.80
N ARG C 233 -16.72 -28.98 23.81
CA ARG C 233 -16.12 -28.70 22.51
C ARG C 233 -16.28 -27.22 22.19
N HIS C 234 -15.19 -26.60 21.72
CA HIS C 234 -15.20 -25.18 21.38
C HIS C 234 -14.61 -25.04 19.99
N TYR C 235 -15.10 -24.08 19.21
CA TYR C 235 -14.52 -23.72 17.92
C TYR C 235 -14.31 -22.21 17.96
N ILE C 236 -13.05 -21.76 17.81
CA ILE C 236 -12.73 -20.34 17.70
C ILE C 236 -12.75 -20.03 16.21
N LYS C 237 -13.78 -19.31 15.75
CA LYS C 237 -14.00 -19.07 14.32
C LYS C 237 -13.23 -17.81 13.95
N CYS C 238 -12.30 -17.90 13.01
CA CYS C 238 -11.49 -16.77 12.60
C CYS C 238 -12.18 -16.16 11.38
N LEU C 239 -12.74 -14.97 11.56
CA LEU C 239 -13.65 -14.34 10.60
C LEU C 239 -12.98 -13.94 9.28
N ALA C 240 -11.69 -13.58 9.30
CA ALA C 240 -10.96 -13.14 8.12
C ALA C 240 -10.09 -14.25 7.54
N ASP C 241 -10.33 -15.51 7.91
CA ASP C 241 -9.48 -16.62 7.46
C ASP C 241 -9.61 -16.77 5.95
N ARG C 242 -8.49 -16.84 5.23
CA ARG C 242 -8.49 -16.94 3.78
C ARG C 242 -8.19 -18.35 3.31
N VAL C 243 -7.84 -19.27 4.22
CA VAL C 243 -7.43 -20.63 3.88
C VAL C 243 -8.49 -21.65 4.33
N ILE C 244 -8.98 -21.57 5.59
CA ILE C 244 -10.16 -22.34 5.99
C ILE C 244 -11.24 -21.28 6.11
N LEU C 245 -12.10 -21.14 5.11
CA LEU C 245 -12.98 -20.00 5.04
C LEU C 245 -14.04 -20.08 6.14
N PRO C 246 -14.59 -18.95 6.58
CA PRO C 246 -15.57 -18.94 7.66
C PRO C 246 -16.75 -19.87 7.40
N ALA C 247 -17.24 -19.94 6.16
CA ALA C 247 -18.33 -20.84 5.81
C ALA C 247 -17.97 -22.30 6.10
N LEU C 248 -16.72 -22.69 5.77
CA LEU C 248 -16.26 -24.05 6.05
C LEU C 248 -16.19 -24.27 7.57
N GLN C 249 -15.69 -23.26 8.31
CA GLN C 249 -15.59 -23.38 9.76
C GLN C 249 -16.99 -23.59 10.34
N GLN C 250 -17.98 -22.88 9.79
CA GLN C 250 -19.36 -23.01 10.25
C GLN C 250 -19.96 -24.37 9.84
N ARG C 251 -19.63 -24.89 8.65
CA ARG C 251 -20.10 -26.19 8.23
C ARG C 251 -19.67 -27.27 9.22
N PHE C 252 -18.38 -27.25 9.60
CA PHE C 252 -17.88 -28.15 10.64
C PHE C 252 -18.73 -28.04 11.91
N ILE C 253 -19.06 -26.82 12.31
CA ILE C 253 -19.75 -26.54 13.57
C ILE C 253 -21.15 -27.14 13.51
N ASP C 254 -21.89 -26.81 12.45
CA ASP C 254 -23.26 -27.26 12.24
C ASP C 254 -23.34 -28.78 12.13
N GLU C 255 -22.36 -29.38 11.44
CA GLU C 255 -22.29 -30.83 11.26
C GLU C 255 -22.17 -31.52 12.62
N ALA C 256 -21.31 -30.99 13.49
CA ALA C 256 -21.06 -31.53 14.83
C ALA C 256 -22.31 -31.48 15.71
N ASP C 257 -23.03 -30.35 15.73
CA ASP C 257 -24.23 -30.19 16.54
C ASP C 257 -25.28 -31.24 16.13
N ALA C 258 -25.46 -31.45 14.82
CA ALA C 258 -26.39 -32.42 14.28
C ALA C 258 -26.05 -33.85 14.72
N PHE C 259 -24.75 -34.22 14.77
CA PHE C 259 -24.30 -35.55 15.20
C PHE C 259 -24.31 -35.69 16.73
N VAL C 260 -24.28 -34.57 17.47
CA VAL C 260 -24.21 -34.62 18.92
C VAL C 260 -25.25 -33.69 19.53
N PRO C 261 -26.57 -33.95 19.31
CA PRO C 261 -27.57 -33.19 20.04
C PRO C 261 -27.33 -33.60 21.49
N GLY C 262 -27.13 -32.62 22.37
CA GLY C 262 -26.81 -32.90 23.77
C GLY C 262 -25.56 -32.15 24.22
N ASN C 263 -24.56 -32.03 23.33
CA ASN C 263 -23.36 -31.25 23.58
C ASN C 263 -23.12 -30.34 22.37
N PRO C 264 -23.89 -29.23 22.23
CA PRO C 264 -23.69 -28.30 21.12
C PRO C 264 -22.31 -27.68 21.30
N THR C 265 -21.65 -27.33 20.18
CA THR C 265 -20.33 -26.68 20.18
C THR C 265 -20.41 -25.25 20.74
N HIS C 266 -19.43 -24.84 21.58
CA HIS C 266 -19.33 -23.46 22.07
C HIS C 266 -18.52 -22.63 21.07
N VAL C 267 -19.18 -21.70 20.35
CA VAL C 267 -18.49 -20.93 19.30
C VAL C 267 -17.97 -19.63 19.91
N HIS C 268 -16.70 -19.30 19.64
CA HIS C 268 -16.09 -18.03 20.04
C HIS C 268 -15.75 -17.31 18.75
N GLN C 269 -16.05 -16.02 18.61
CA GLN C 269 -15.72 -15.27 17.41
C GLN C 269 -14.43 -14.50 17.65
N LEU C 270 -13.49 -14.54 16.69
CA LEU C 270 -12.26 -13.78 16.73
C LEU C 270 -12.16 -13.11 15.36
N ASP C 271 -11.97 -11.79 15.28
CA ASP C 271 -11.86 -11.10 14.00
C ASP C 271 -10.40 -11.13 13.57
N SER C 272 -9.96 -12.29 13.07
CA SER C 272 -8.56 -12.56 12.80
C SER C 272 -8.39 -13.31 11.48
N SER C 273 -7.19 -13.22 10.92
CA SER C 273 -6.79 -14.10 9.84
C SER C 273 -6.66 -15.51 10.39
N HIS C 274 -6.23 -16.45 9.55
CA HIS C 274 -6.00 -17.83 9.91
C HIS C 274 -4.97 -17.94 11.05
N SER C 275 -4.13 -16.92 11.25
CA SER C 275 -3.01 -17.02 12.20
C SER C 275 -3.13 -16.00 13.34
N PRO C 276 -4.09 -16.15 14.28
CA PRO C 276 -4.23 -15.25 15.42
C PRO C 276 -3.12 -15.37 16.46
N PHE C 277 -2.31 -16.44 16.46
CA PHE C 277 -1.22 -16.65 17.40
C PHE C 277 -0.10 -15.62 17.18
N VAL C 278 -0.07 -14.98 16.01
CA VAL C 278 0.86 -13.90 15.72
C VAL C 278 0.20 -12.52 15.86
N SER C 279 -1.01 -12.34 15.32
CA SER C 279 -1.68 -11.06 15.26
C SER C 279 -2.33 -10.66 16.59
N GLN C 280 -2.87 -11.60 17.37
CA GLN C 280 -3.59 -11.29 18.59
C GLN C 280 -3.35 -12.33 19.68
N PRO C 281 -2.10 -12.74 19.98
CA PRO C 281 -1.86 -13.83 20.93
C PRO C 281 -2.50 -13.59 22.29
N GLY C 282 -2.48 -12.34 22.79
CA GLY C 282 -3.04 -12.01 24.09
C GLY C 282 -4.55 -12.24 24.12
N VAL C 283 -5.24 -11.77 23.08
CA VAL C 283 -6.69 -11.93 22.98
C VAL C 283 -6.98 -13.43 22.95
N LEU C 284 -6.23 -14.17 22.12
CA LEU C 284 -6.43 -15.61 21.92
C LEU C 284 -6.18 -16.34 23.24
N ALA C 285 -5.13 -15.96 23.98
CA ALA C 285 -4.80 -16.58 25.25
C ALA C 285 -5.90 -16.32 26.27
N GLY C 286 -6.57 -15.18 26.17
CA GLY C 286 -7.69 -14.84 27.05
C GLY C 286 -8.89 -15.75 26.77
N VAL C 287 -9.19 -15.99 25.48
CA VAL C 287 -10.28 -16.87 25.10
C VAL C 287 -10.00 -18.26 25.68
N LEU C 288 -8.76 -18.74 25.54
CA LEU C 288 -8.39 -20.08 25.99
C LEU C 288 -8.51 -20.17 27.51
N VAL C 289 -8.05 -19.12 28.21
CA VAL C 289 -8.15 -19.06 29.66
C VAL C 289 -9.61 -19.12 30.08
N ASP C 290 -10.49 -18.48 29.30
CA ASP C 290 -11.93 -18.47 29.59
C ASP C 290 -12.51 -19.85 29.34
N ILE C 291 -12.14 -20.47 28.22
CA ILE C 291 -12.59 -21.82 27.87
C ILE C 291 -12.18 -22.77 29.00
N ALA C 292 -11.01 -22.51 29.60
CA ALA C 292 -10.51 -23.34 30.69
C ALA C 292 -11.39 -23.13 31.91
N LYS C 293 -11.71 -21.87 32.23
CA LYS C 293 -12.57 -21.53 33.36
C LYS C 293 -14.00 -22.03 33.11
N SER C 294 -14.36 -22.24 31.82
CA SER C 294 -15.66 -22.79 31.46
C SER C 294 -16.08 -23.82 32.50
#